data_4L6Y
#
_entry.id   4L6Y
#
_cell.length_a   60.660
_cell.length_b   209.800
_cell.length_c   113.410
_cell.angle_alpha   90.00
_cell.angle_beta   105.64
_cell.angle_gamma   90.00
#
_symmetry.space_group_name_H-M   'P 1 21 1'
#
_entity_poly.entity_id   1
_entity_poly.type   'polypeptide(L)'
_entity_poly.pdbx_seq_one_letter_code
;GAAAMRRSEVLAEESIVCLQKALNHLREIWELIGIPEDQRLQRTEVVKKHIKELLDMMIAEEESLKERLIKSISVCQKEL
NTLCSELHVEPFQEEGETTILQLEKDLRTQVELMRKQKKERKQELKLLQEQDQELCEILCMPHYDIDSASVPSLEELNQF
RQHVTTLRETKASRREEFVSIKRQIILCMEELDHTPDTSFERDVVCEDEDAFCLSLENIATLQKLLRQLEMQKSQNEAVC
EGLRTQIRELWDRLQIPEEEREAVATIMSGSKAKVRKALQLEVDRLEELKMQNMKKVIEAIRVELVQYWDQCFYSQEQRQ
AFAPFCAEDYTESLLQLHDAEIVRLKNYYEVHKELFEGVQKWEETWRLFLEFERKASDPNRFTNRGGNLLKEEKQRAKLQ
KMLPKLEEELKARIELWEQEHSKAFMVNGQKFMEYVAEQWEMHRLEKERAKQERQLKNKKQTETEMLYGSAPRTPSKRRG
LAPNTPGKAR
;
_entity_poly.pdbx_strand_id   A,B
#
# COMPACT_ATOMS: atom_id res chain seq x y z
N ARG A 6 13.90 63.02 -23.61
CA ARG A 6 13.55 64.11 -22.70
C ARG A 6 12.15 63.93 -22.12
N ARG A 7 11.42 62.95 -22.65
CA ARG A 7 10.07 62.67 -22.19
C ARG A 7 10.08 61.67 -21.03
N SER A 8 11.08 60.79 -21.04
CA SER A 8 11.24 59.81 -19.97
C SER A 8 11.49 60.50 -18.64
N GLU A 9 12.26 61.60 -18.69
CA GLU A 9 12.53 62.41 -17.50
C GLU A 9 11.24 63.06 -17.01
N VAL A 10 10.39 63.47 -17.95
CA VAL A 10 9.11 64.09 -17.63
C VAL A 10 8.20 63.10 -16.92
N LEU A 11 8.08 61.89 -17.46
CA LEU A 11 7.28 60.85 -16.84
C LEU A 11 7.87 60.47 -15.48
N ALA A 12 9.19 60.51 -15.39
CA ALA A 12 9.89 60.22 -14.15
C ALA A 12 9.50 61.20 -13.04
N GLU A 13 9.73 62.49 -13.29
CA GLU A 13 9.39 63.53 -12.31
C GLU A 13 7.89 63.54 -12.03
N GLU A 14 7.09 63.16 -13.03
CA GLU A 14 5.65 63.04 -12.84
C GLU A 14 5.34 61.96 -11.80
N SER A 15 6.01 60.82 -11.92
CA SER A 15 5.84 59.73 -10.97
C SER A 15 6.36 60.12 -9.60
N ILE A 16 7.38 60.98 -9.58
CA ILE A 16 7.89 61.53 -8.33
C ILE A 16 6.79 62.33 -7.64
N VAL A 17 6.17 63.22 -8.39
CA VAL A 17 5.05 64.02 -7.88
C VAL A 17 3.92 63.11 -7.41
N CYS A 18 3.75 61.98 -8.11
CA CYS A 18 2.76 60.99 -7.70
C CYS A 18 3.07 60.41 -6.32
N LEU A 19 4.34 60.05 -6.10
CA LEU A 19 4.77 59.53 -4.80
C LEU A 19 4.57 60.57 -3.71
N GLN A 20 4.94 61.81 -4.01
CA GLN A 20 4.72 62.92 -3.08
C GLN A 20 3.24 63.02 -2.70
N LYS A 21 2.38 62.92 -3.71
CA LYS A 21 0.94 62.98 -3.52
C LYS A 21 0.43 61.86 -2.63
N ALA A 22 0.97 60.65 -2.86
CA ALA A 22 0.56 59.49 -2.07
C ALA A 22 1.00 59.61 -0.61
N LEU A 23 2.23 60.09 -0.40
CA LEU A 23 2.75 60.28 0.94
C LEU A 23 1.95 61.34 1.69
N ASN A 24 1.64 62.43 1.00
CA ASN A 24 0.79 63.48 1.59
C ASN A 24 -0.62 62.97 1.83
N HIS A 25 -1.04 61.97 1.05
CA HIS A 25 -2.35 61.38 1.22
C HIS A 25 -2.39 60.54 2.49
N LEU A 26 -1.32 59.78 2.73
CA LEU A 26 -1.22 58.99 3.95
C LEU A 26 -1.08 59.87 5.18
N ARG A 27 -0.33 60.97 5.03
CA ARG A 27 -0.19 61.94 6.10
C ARG A 27 -1.56 62.53 6.42
N GLU A 28 -2.31 62.81 5.36
CA GLU A 28 -3.69 63.29 5.48
C GLU A 28 -4.51 62.29 6.29
N ILE A 29 -4.60 61.06 5.80
CA ILE A 29 -5.31 59.97 6.48
C ILE A 29 -4.94 59.88 7.97
N TRP A 30 -3.67 60.12 8.26
CA TRP A 30 -3.22 60.15 9.65
C TRP A 30 -3.84 61.32 10.39
N GLU A 31 -3.89 62.47 9.73
CA GLU A 31 -4.44 63.68 10.35
C GLU A 31 -5.94 63.56 10.61
N LEU A 32 -6.61 62.77 9.77
CA LEU A 32 -8.05 62.56 9.89
C LEU A 32 -8.39 61.91 11.24
N ILE A 33 -7.58 60.94 11.64
CA ILE A 33 -7.71 60.34 12.96
C ILE A 33 -6.70 60.95 13.92
N GLY A 34 -6.64 60.43 15.14
CA GLY A 34 -5.67 60.88 16.11
C GLY A 34 -4.59 59.82 16.30
N ILE A 35 -3.49 59.98 15.59
CA ILE A 35 -2.44 58.96 15.57
C ILE A 35 -1.10 59.51 16.06
N PRO A 36 -0.42 58.76 16.93
CA PRO A 36 0.89 59.18 17.47
C PRO A 36 1.97 59.22 16.41
N GLU A 37 3.15 59.71 16.79
CA GLU A 37 4.26 59.84 15.86
C GLU A 37 4.94 58.51 15.57
N ASP A 38 5.07 57.67 16.60
CA ASP A 38 5.83 56.43 16.50
C ASP A 38 5.31 55.45 15.44
N GLN A 39 4.05 55.06 15.55
CA GLN A 39 3.47 54.06 14.65
C GLN A 39 3.49 54.53 13.20
N ARG A 40 3.18 55.80 12.98
CA ARG A 40 3.21 56.40 11.65
C ARG A 40 4.64 56.41 11.11
N LEU A 41 5.59 56.68 11.99
CA LEU A 41 7.01 56.71 11.61
C LEU A 41 7.47 55.33 11.18
N GLN A 42 7.03 54.31 11.92
CA GLN A 42 7.40 52.93 11.63
C GLN A 42 6.76 52.46 10.33
N ARG A 43 5.51 52.83 10.10
CA ARG A 43 4.82 52.46 8.87
C ARG A 43 5.46 53.13 7.66
N THR A 44 5.82 54.41 7.81
CA THR A 44 6.53 55.13 6.77
C THR A 44 7.89 54.48 6.51
N GLU A 45 8.50 53.98 7.59
CA GLU A 45 9.78 53.30 7.50
C GLU A 45 9.65 51.99 6.71
N VAL A 46 8.53 51.29 6.91
CA VAL A 46 8.27 50.06 6.17
C VAL A 46 8.03 50.37 4.71
N VAL A 47 7.32 51.47 4.44
CA VAL A 47 7.10 51.94 3.08
C VAL A 47 8.44 52.19 2.39
N LYS A 48 9.31 52.94 3.07
CA LYS A 48 10.65 53.21 2.57
C LYS A 48 11.41 51.91 2.31
N LYS A 49 11.24 50.95 3.22
CA LYS A 49 11.90 49.66 3.12
C LYS A 49 11.48 48.89 1.87
N HIS A 50 10.19 48.88 1.59
CA HIS A 50 9.68 48.14 0.44
C HIS A 50 9.98 48.86 -0.88
N ILE A 51 9.95 50.19 -0.84
CA ILE A 51 10.32 50.98 -2.01
C ILE A 51 11.77 50.72 -2.37
N LYS A 52 12.65 50.85 -1.37
CA LYS A 52 14.06 50.57 -1.54
C LYS A 52 14.27 49.13 -2.01
N GLU A 53 13.44 48.23 -1.50
CA GLU A 53 13.50 46.82 -1.89
C GLU A 53 13.24 46.65 -3.39
N LEU A 54 12.10 47.16 -3.84
CA LEU A 54 11.71 47.06 -5.25
C LEU A 54 12.75 47.72 -6.16
N LEU A 55 13.15 48.93 -5.81
CA LEU A 55 14.13 49.68 -6.59
C LEU A 55 15.46 48.93 -6.70
N ASP A 56 15.95 48.44 -5.57
CA ASP A 56 17.19 47.67 -5.54
C ASP A 56 17.07 46.41 -6.39
N MET A 57 15.90 45.79 -6.35
CA MET A 57 15.65 44.59 -7.13
C MET A 57 15.74 44.85 -8.63
N MET A 58 14.95 45.81 -9.10
CA MET A 58 14.92 46.14 -10.52
C MET A 58 16.29 46.63 -11.00
N ILE A 59 16.92 47.48 -10.21
CA ILE A 59 18.23 48.02 -10.57
C ILE A 59 19.28 46.93 -10.58
N ALA A 60 19.09 45.91 -9.75
CA ALA A 60 19.99 44.76 -9.74
C ALA A 60 19.82 43.97 -11.03
N GLU A 61 18.56 43.75 -11.42
CA GLU A 61 18.27 43.02 -12.65
C GLU A 61 18.87 43.73 -13.86
N GLU A 62 18.66 45.05 -13.95
CA GLU A 62 19.16 45.83 -15.08
C GLU A 62 20.68 45.92 -15.11
N GLU A 63 21.28 46.15 -13.94
CA GLU A 63 22.74 46.21 -13.84
C GLU A 63 23.36 44.88 -14.29
N SER A 64 22.80 43.80 -13.77
CA SER A 64 23.18 42.46 -14.17
C SER A 64 23.10 42.32 -15.68
N LEU A 65 21.96 42.72 -16.24
CA LEU A 65 21.73 42.63 -17.68
C LEU A 65 22.81 43.37 -18.47
N LYS A 66 23.17 44.55 -18.00
CA LYS A 66 24.18 45.36 -18.68
C LYS A 66 25.54 44.68 -18.65
N GLU A 67 26.00 44.31 -17.46
CA GLU A 67 27.29 43.66 -17.32
C GLU A 67 27.38 42.35 -18.10
N ARG A 68 26.24 41.65 -18.18
CA ARG A 68 26.16 40.42 -18.96
C ARG A 68 26.23 40.73 -20.45
N LEU A 69 25.70 41.88 -20.84
CA LEU A 69 25.76 42.31 -22.23
C LEU A 69 27.21 42.56 -22.62
N ILE A 70 27.92 43.29 -21.77
CA ILE A 70 29.33 43.58 -22.01
C ILE A 70 30.18 42.31 -22.03
N LYS A 71 29.94 41.44 -21.06
CA LYS A 71 30.59 40.13 -21.02
C LYS A 71 30.39 39.40 -22.35
N SER A 72 29.13 39.29 -22.76
CA SER A 72 28.78 38.60 -24.00
C SER A 72 29.45 39.24 -25.21
N ILE A 73 29.62 40.55 -25.18
CA ILE A 73 30.35 41.25 -26.22
C ILE A 73 31.79 40.74 -26.27
N SER A 74 32.46 40.76 -25.13
CA SER A 74 33.84 40.31 -25.05
C SER A 74 34.00 38.86 -25.54
N VAL A 75 33.11 38.00 -25.06
CA VAL A 75 33.14 36.58 -25.43
C VAL A 75 32.94 36.39 -26.93
N CYS A 76 31.95 37.08 -27.49
CA CYS A 76 31.65 36.96 -28.91
C CYS A 76 32.79 37.50 -29.77
N GLN A 77 33.46 38.52 -29.28
CA GLN A 77 34.60 39.08 -30.01
C GLN A 77 35.77 38.10 -30.01
N LYS A 78 36.03 37.51 -28.85
CA LYS A 78 37.08 36.49 -28.73
C LYS A 78 36.82 35.33 -29.68
N GLU A 79 35.61 34.77 -29.60
CA GLU A 79 35.23 33.66 -30.45
C GLU A 79 35.29 34.03 -31.93
N LEU A 80 34.92 35.28 -32.23
CA LEU A 80 34.98 35.78 -33.60
C LEU A 80 36.42 35.81 -34.11
N ASN A 81 37.35 36.20 -33.24
CA ASN A 81 38.77 36.17 -33.60
C ASN A 81 39.24 34.74 -33.83
N THR A 82 38.78 33.83 -32.97
CA THR A 82 39.11 32.42 -33.12
C THR A 82 38.67 31.87 -34.48
N LEU A 83 37.41 32.13 -34.84
CA LEU A 83 36.88 31.63 -36.10
C LEU A 83 37.47 32.34 -37.32
N CYS A 84 37.78 33.63 -37.16
CA CYS A 84 38.43 34.38 -38.23
C CYS A 84 39.84 33.85 -38.47
N SER A 85 40.43 33.29 -37.42
CA SER A 85 41.75 32.66 -37.55
C SER A 85 41.63 31.27 -38.15
N GLU A 86 40.61 30.51 -37.74
CA GLU A 86 40.41 29.15 -38.24
C GLU A 86 40.19 29.13 -39.75
N LEU A 87 39.16 29.83 -40.20
CA LEU A 87 38.93 29.99 -41.64
C LEU A 87 39.61 31.28 -42.10
N HIS A 88 39.17 31.81 -43.23
CA HIS A 88 39.81 33.00 -43.78
C HIS A 88 38.78 34.02 -44.23
N VAL A 89 38.18 34.71 -43.25
CA VAL A 89 37.15 35.70 -43.53
C VAL A 89 37.44 36.99 -42.77
N GLU A 90 37.25 38.13 -43.44
CA GLU A 90 37.48 39.42 -42.82
C GLU A 90 36.44 39.74 -41.75
N PRO A 91 36.91 40.12 -40.54
CA PRO A 91 36.03 40.50 -39.44
C PRO A 91 35.21 41.75 -39.79
N PHE A 92 34.02 41.55 -40.31
CA PHE A 92 33.16 42.65 -40.75
C PHE A 92 32.48 43.36 -39.58
N GLN A 93 32.24 44.66 -39.72
CA GLN A 93 31.52 45.43 -38.72
C GLN A 93 31.01 46.74 -39.31
N GLU A 94 30.45 47.59 -38.45
CA GLU A 94 29.97 48.91 -38.85
C GLU A 94 30.29 49.95 -37.78
N GLU A 95 30.80 51.10 -38.20
CA GLU A 95 31.22 52.14 -37.27
C GLU A 95 30.05 53.01 -36.81
N GLY A 96 29.00 53.07 -37.61
CA GLY A 96 27.83 53.86 -37.29
C GLY A 96 27.15 53.43 -36.01
N GLU A 97 27.05 52.12 -35.81
CA GLU A 97 26.44 51.58 -34.59
C GLU A 97 27.42 51.59 -33.44
N THR A 98 27.53 52.71 -32.75
CA THR A 98 28.42 52.84 -31.60
C THR A 98 27.71 52.45 -30.31
N THR A 99 26.56 51.81 -30.45
CA THR A 99 25.77 51.38 -29.30
C THR A 99 26.15 49.98 -28.84
N ILE A 100 25.82 49.65 -27.60
CA ILE A 100 26.18 48.37 -27.00
C ILE A 100 25.32 47.23 -27.55
N LEU A 101 24.01 47.45 -27.57
CA LEU A 101 23.03 46.43 -27.93
C LEU A 101 23.29 45.86 -29.32
N GLN A 102 23.21 46.72 -30.33
CA GLN A 102 23.43 46.31 -31.71
C GLN A 102 24.80 45.68 -31.91
N LEU A 103 25.78 46.16 -31.15
CA LEU A 103 27.14 45.62 -31.21
C LEU A 103 27.16 44.16 -30.78
N GLU A 104 26.58 43.88 -29.61
CA GLU A 104 26.54 42.52 -29.09
C GLU A 104 25.76 41.61 -30.03
N LYS A 105 24.59 42.08 -30.43
CA LYS A 105 23.70 41.34 -31.33
C LYS A 105 24.44 40.94 -32.61
N ASP A 106 25.07 41.93 -33.25
CA ASP A 106 25.82 41.68 -34.47
C ASP A 106 27.01 40.75 -34.22
N LEU A 107 27.61 40.87 -33.05
CA LEU A 107 28.74 40.00 -32.69
C LEU A 107 28.33 38.53 -32.67
N ARG A 108 27.30 38.21 -31.89
CA ARG A 108 26.83 36.82 -31.84
C ARG A 108 26.20 36.38 -33.16
N THR A 109 25.75 37.35 -33.95
CA THR A 109 25.23 37.06 -35.28
C THR A 109 26.35 36.53 -36.18
N GLN A 110 27.46 37.27 -36.20
CA GLN A 110 28.65 36.85 -36.93
C GLN A 110 29.14 35.51 -36.40
N VAL A 111 29.04 35.33 -35.08
CA VAL A 111 29.38 34.07 -34.45
C VAL A 111 28.60 32.92 -35.10
N GLU A 112 27.27 32.99 -35.06
CA GLU A 112 26.44 31.92 -35.60
C GLU A 112 26.67 31.71 -37.11
N LEU A 113 26.82 32.81 -37.84
CA LEU A 113 27.07 32.73 -39.28
C LEU A 113 28.36 31.98 -39.59
N MET A 114 29.46 32.40 -38.97
CA MET A 114 30.76 31.77 -39.20
C MET A 114 30.79 30.33 -38.69
N ARG A 115 30.02 30.05 -37.65
CA ARG A 115 29.88 28.69 -37.16
C ARG A 115 29.22 27.83 -38.24
N LYS A 116 28.19 28.38 -38.87
CA LYS A 116 27.54 27.70 -39.98
C LYS A 116 28.53 27.48 -41.12
N GLN A 117 29.41 28.45 -41.32
CA GLN A 117 30.44 28.35 -42.34
C GLN A 117 31.39 27.17 -42.06
N LYS A 118 31.87 27.10 -40.82
CA LYS A 118 32.73 26.00 -40.39
C LYS A 118 32.04 24.65 -40.56
N LYS A 119 30.78 24.57 -40.15
CA LYS A 119 30.03 23.32 -40.21
C LYS A 119 29.86 22.88 -41.66
N GLU A 120 29.52 23.84 -42.51
CA GLU A 120 29.36 23.57 -43.94
C GLU A 120 30.65 23.05 -44.56
N ARG A 121 31.75 23.71 -44.25
CA ARG A 121 33.06 23.29 -44.76
C ARG A 121 33.42 21.89 -44.27
N LYS A 122 33.10 21.59 -43.02
CA LYS A 122 33.32 20.26 -42.45
C LYS A 122 32.53 19.20 -43.22
N GLN A 123 31.24 19.46 -43.42
CA GLN A 123 30.37 18.52 -44.13
C GLN A 123 30.84 18.28 -45.56
N GLU A 124 31.23 19.36 -46.24
CA GLU A 124 31.79 19.24 -47.58
C GLU A 124 33.05 18.39 -47.59
N LEU A 125 33.92 18.62 -46.60
CA LEU A 125 35.14 17.85 -46.43
C LEU A 125 34.83 16.35 -46.30
N LYS A 126 33.94 16.02 -45.39
CA LYS A 126 33.53 14.64 -45.18
C LYS A 126 32.95 14.03 -46.44
N LEU A 127 32.19 14.82 -47.19
CA LEU A 127 31.60 14.36 -48.45
C LEU A 127 32.68 13.98 -49.45
N LEU A 128 33.62 14.90 -49.66
CA LEU A 128 34.72 14.68 -50.59
C LEU A 128 35.54 13.46 -50.19
N GLN A 129 35.73 13.29 -48.88
CA GLN A 129 36.41 12.11 -48.37
C GLN A 129 35.62 10.83 -48.70
N GLU A 130 34.30 10.92 -48.59
CA GLU A 130 33.44 9.75 -48.83
C GLU A 130 33.34 9.37 -50.31
N GLN A 131 33.60 10.33 -51.20
CA GLN A 131 33.69 10.01 -52.62
C GLN A 131 35.09 9.46 -52.95
N ASP A 132 36.10 10.08 -52.37
CA ASP A 132 37.48 9.67 -52.53
C ASP A 132 37.68 8.21 -52.13
N GLN A 133 37.15 7.84 -50.97
CA GLN A 133 37.26 6.49 -50.46
C GLN A 133 36.60 5.48 -51.42
N GLU A 134 35.55 5.92 -52.10
CA GLU A 134 34.83 5.07 -53.04
C GLU A 134 35.63 4.86 -54.32
N LEU A 135 36.26 5.92 -54.80
CA LEU A 135 36.98 5.85 -56.08
C LEU A 135 38.39 5.26 -56.00
N CYS A 136 39.15 5.69 -55.00
CA CYS A 136 40.55 5.26 -54.83
C CYS A 136 40.69 3.75 -54.68
N GLU A 137 39.73 3.14 -53.98
CA GLU A 137 39.71 1.69 -53.80
C GLU A 137 39.64 1.00 -55.15
N ILE A 138 38.79 1.53 -56.03
CA ILE A 138 38.62 0.98 -57.37
C ILE A 138 39.87 1.20 -58.21
N LEU A 139 40.48 2.38 -58.06
CA LEU A 139 41.69 2.69 -58.81
C LEU A 139 42.94 2.07 -58.19
N CYS A 140 42.78 1.51 -56.99
CA CYS A 140 43.86 0.87 -56.26
C CYS A 140 45.08 1.78 -56.11
N MET A 141 44.82 3.00 -55.65
CA MET A 141 45.87 4.00 -55.48
C MET A 141 45.51 4.95 -54.35
N PRO A 142 46.52 5.55 -53.70
CA PRO A 142 46.28 6.47 -52.57
C PRO A 142 45.43 7.66 -52.96
N HIS A 143 46.01 8.60 -53.72
CA HIS A 143 45.31 9.82 -54.14
C HIS A 143 44.77 10.63 -52.95
N TYR A 144 45.44 10.51 -51.82
CA TYR A 144 45.07 11.29 -50.64
C TYR A 144 45.93 12.54 -50.57
N ASP A 145 45.29 13.70 -50.41
CA ASP A 145 46.02 14.95 -50.27
C ASP A 145 46.59 15.04 -48.87
N ILE A 146 47.11 16.22 -48.51
CA ILE A 146 47.50 16.48 -47.13
C ILE A 146 46.25 16.31 -46.29
N ASP A 147 45.21 17.04 -46.68
CA ASP A 147 43.83 16.84 -46.22
C ASP A 147 43.69 16.58 -44.72
N SER A 148 43.86 17.63 -43.92
CA SER A 148 43.64 17.53 -42.48
C SER A 148 42.14 17.43 -42.22
N ALA A 149 41.72 16.36 -41.54
CA ALA A 149 40.31 16.15 -41.25
C ALA A 149 39.80 17.09 -40.15
N SER A 150 40.72 17.82 -39.54
CA SER A 150 40.39 18.75 -38.48
C SER A 150 40.56 20.20 -38.90
N VAL A 151 41.11 20.41 -40.10
CA VAL A 151 41.36 21.76 -40.61
C VAL A 151 40.94 21.89 -42.08
N PRO A 152 40.08 22.87 -42.39
CA PRO A 152 39.64 23.14 -43.75
C PRO A 152 40.33 24.34 -44.38
N SER A 153 40.21 24.47 -45.70
CA SER A 153 40.73 25.62 -46.44
C SER A 153 40.16 25.68 -47.85
N LEU A 154 39.63 26.85 -48.21
CA LEU A 154 38.97 27.07 -49.49
C LEU A 154 39.72 26.54 -50.71
N GLU A 155 40.97 26.95 -50.85
CA GLU A 155 41.79 26.54 -51.99
C GLU A 155 42.01 25.02 -52.00
N GLU A 156 42.22 24.47 -50.81
CA GLU A 156 42.39 23.02 -50.65
C GLU A 156 41.11 22.30 -51.05
N LEU A 157 39.98 22.90 -50.74
CA LEU A 157 38.68 22.36 -51.12
C LEU A 157 38.51 22.36 -52.63
N ASN A 158 38.95 23.45 -53.27
CA ASN A 158 38.91 23.54 -54.73
C ASN A 158 39.77 22.45 -55.36
N GLN A 159 40.98 22.29 -54.84
CA GLN A 159 41.91 21.27 -55.30
C GLN A 159 41.30 19.89 -55.15
N PHE A 160 40.59 19.68 -54.04
CA PHE A 160 39.91 18.41 -53.80
C PHE A 160 38.82 18.16 -54.84
N ARG A 161 38.05 19.20 -55.13
CA ARG A 161 37.01 19.13 -56.14
C ARG A 161 37.58 18.71 -57.50
N GLN A 162 38.59 19.44 -57.95
CA GLN A 162 39.24 19.13 -59.22
C GLN A 162 39.79 17.72 -59.24
N HIS A 163 40.42 17.32 -58.14
CA HIS A 163 40.98 15.98 -57.99
C HIS A 163 39.91 14.92 -58.21
N VAL A 164 38.80 15.05 -57.48
CA VAL A 164 37.69 14.10 -57.58
C VAL A 164 37.10 14.05 -58.97
N THR A 165 36.86 15.21 -59.58
CA THR A 165 36.30 15.28 -60.92
C THR A 165 37.20 14.58 -61.94
N THR A 166 38.50 14.84 -61.85
CA THR A 166 39.48 14.17 -62.72
C THR A 166 39.43 12.67 -62.51
N LEU A 167 39.30 12.25 -61.26
CA LEU A 167 39.18 10.83 -60.94
C LEU A 167 37.94 10.22 -61.59
N ARG A 168 36.85 10.99 -61.64
CA ARG A 168 35.62 10.54 -62.26
C ARG A 168 35.81 10.37 -63.77
N GLU A 169 36.41 11.38 -64.41
CA GLU A 169 36.68 11.33 -65.84
C GLU A 169 37.53 10.12 -66.21
N THR A 170 38.65 9.97 -65.51
CA THR A 170 39.56 8.84 -65.75
C THR A 170 38.88 7.51 -65.47
N LYS A 171 37.98 7.50 -64.48
CA LYS A 171 37.21 6.31 -64.15
C LYS A 171 36.33 5.91 -65.32
N ALA A 172 35.62 6.88 -65.89
CA ALA A 172 34.76 6.64 -67.03
C ALA A 172 35.57 6.17 -68.24
N SER A 173 36.76 6.75 -68.41
CA SER A 173 37.64 6.36 -69.50
C SER A 173 38.10 4.91 -69.40
N ARG A 174 38.70 4.58 -68.26
CA ARG A 174 39.21 3.23 -68.02
C ARG A 174 38.08 2.20 -68.04
N ARG A 175 36.89 2.61 -67.60
CA ARG A 175 35.73 1.73 -67.67
C ARG A 175 35.30 1.52 -69.12
N GLU A 176 35.42 2.55 -69.92
CA GLU A 176 35.10 2.46 -71.34
C GLU A 176 36.03 1.47 -72.02
N GLU A 177 37.33 1.60 -71.74
CA GLU A 177 38.31 0.65 -72.26
C GLU A 177 37.97 -0.76 -71.79
N PHE A 178 37.58 -0.88 -70.52
CA PHE A 178 37.16 -2.15 -69.95
C PHE A 178 36.04 -2.79 -70.77
N VAL A 179 35.01 -2.00 -71.07
CA VAL A 179 33.87 -2.48 -71.84
C VAL A 179 34.27 -2.90 -73.25
N SER A 180 35.08 -2.08 -73.91
CA SER A 180 35.54 -2.39 -75.26
C SER A 180 36.31 -3.71 -75.32
N ILE A 181 37.34 -3.81 -74.48
CA ILE A 181 38.18 -5.00 -74.45
C ILE A 181 37.35 -6.23 -74.05
N LYS A 182 36.44 -6.05 -73.11
CA LYS A 182 35.53 -7.12 -72.70
C LYS A 182 34.72 -7.62 -73.87
N ARG A 183 34.23 -6.70 -74.69
CA ARG A 183 33.46 -7.05 -75.88
C ARG A 183 34.31 -7.85 -76.87
N GLN A 184 35.51 -7.33 -77.15
CA GLN A 184 36.43 -8.00 -78.08
C GLN A 184 36.76 -9.43 -77.62
N ILE A 185 37.07 -9.56 -76.33
CA ILE A 185 37.37 -10.86 -75.73
C ILE A 185 36.16 -11.79 -75.83
N ILE A 186 34.98 -11.25 -75.61
CA ILE A 186 33.74 -12.02 -75.73
C ILE A 186 33.57 -12.56 -77.15
N LEU A 187 33.90 -11.74 -78.14
CA LEU A 187 33.83 -12.16 -79.53
C LEU A 187 34.84 -13.27 -79.85
N CYS A 188 36.10 -13.02 -79.51
CA CYS A 188 37.17 -13.98 -79.77
C CYS A 188 36.91 -15.32 -79.08
N MET A 189 36.32 -15.26 -77.89
CA MET A 189 35.95 -16.46 -77.16
C MET A 189 34.79 -17.15 -77.85
N GLU A 190 33.85 -16.35 -78.36
CA GLU A 190 32.69 -16.89 -79.06
C GLU A 190 33.13 -17.66 -80.29
N GLU A 191 34.20 -17.20 -80.93
CA GLU A 191 34.73 -17.90 -82.10
C GLU A 191 35.61 -19.09 -81.74
N LEU A 192 36.44 -18.94 -80.72
CA LEU A 192 37.35 -20.02 -80.31
C LEU A 192 36.68 -21.07 -79.45
N ASP A 193 35.50 -20.75 -78.92
CA ASP A 193 34.74 -21.65 -78.06
C ASP A 193 35.55 -22.10 -76.84
N HIS A 194 35.90 -21.14 -75.98
CA HIS A 194 36.69 -21.44 -74.79
C HIS A 194 36.07 -20.84 -73.54
N THR A 195 35.21 -21.62 -72.89
CA THR A 195 34.57 -21.21 -71.65
C THR A 195 35.61 -20.99 -70.55
N PRO A 196 35.53 -19.83 -69.87
CA PRO A 196 36.40 -19.41 -68.76
C PRO A 196 36.79 -20.53 -67.81
N ASP A 197 38.06 -20.92 -67.83
CA ASP A 197 38.56 -21.98 -66.97
C ASP A 197 39.24 -21.40 -65.74
N THR A 198 39.42 -20.08 -65.71
CA THR A 198 40.04 -19.42 -64.57
C THR A 198 39.02 -18.60 -63.80
N SER A 199 39.47 -17.98 -62.71
CA SER A 199 38.59 -17.17 -61.87
C SER A 199 38.57 -15.72 -62.37
N PHE A 200 39.64 -15.30 -63.03
CA PHE A 200 39.75 -13.96 -63.56
C PHE A 200 38.78 -13.75 -64.72
N GLU A 201 38.72 -14.73 -65.61
CA GLU A 201 37.79 -14.70 -66.73
C GLU A 201 36.36 -14.65 -66.22
N ARG A 202 36.13 -15.32 -65.09
CA ARG A 202 34.83 -15.27 -64.42
C ARG A 202 34.58 -13.87 -63.86
N ASP A 203 35.63 -13.25 -63.33
CA ASP A 203 35.52 -11.89 -62.81
C ASP A 203 35.21 -10.91 -63.93
N VAL A 204 35.60 -11.26 -65.15
CA VAL A 204 35.37 -10.41 -66.30
C VAL A 204 33.97 -10.59 -66.90
N VAL A 205 33.62 -11.83 -67.23
CA VAL A 205 32.38 -12.09 -67.96
C VAL A 205 31.26 -12.68 -67.09
N CYS A 206 31.64 -13.44 -66.05
CA CYS A 206 30.65 -14.10 -65.21
C CYS A 206 30.25 -13.26 -64.00
N GLU A 207 31.18 -12.46 -63.50
CA GLU A 207 30.92 -11.62 -62.33
C GLU A 207 30.13 -10.37 -62.70
N ASP A 208 30.27 -9.97 -63.97
CA ASP A 208 29.57 -8.82 -64.53
C ASP A 208 30.02 -7.47 -63.96
N GLU A 209 29.14 -6.48 -64.03
CA GLU A 209 29.54 -5.08 -63.91
C GLU A 209 29.80 -4.54 -62.50
N ASP A 210 30.42 -3.36 -62.47
CA ASP A 210 30.66 -2.58 -61.25
C ASP A 210 31.63 -3.22 -60.27
N ALA A 211 32.06 -4.44 -60.55
CA ALA A 211 32.91 -5.18 -59.63
C ALA A 211 34.36 -5.23 -60.09
N PHE A 212 34.63 -4.69 -61.28
CA PHE A 212 35.99 -4.70 -61.83
C PHE A 212 36.87 -3.67 -61.13
N CYS A 213 37.94 -4.15 -60.51
CA CYS A 213 38.92 -3.26 -59.87
C CYS A 213 39.87 -2.72 -60.93
N LEU A 214 39.66 -1.46 -61.32
CA LEU A 214 40.35 -0.89 -62.47
C LEU A 214 41.77 -0.43 -62.17
N SER A 215 42.56 -1.30 -61.54
CA SER A 215 43.98 -1.03 -61.35
C SER A 215 44.68 -1.23 -62.69
N LEU A 216 45.79 -0.53 -62.89
CA LEU A 216 46.54 -0.61 -64.14
C LEU A 216 47.02 -2.04 -64.41
N GLU A 217 47.40 -2.74 -63.35
CA GLU A 217 47.85 -4.13 -63.46
C GLU A 217 46.71 -5.01 -63.97
N ASN A 218 45.51 -4.74 -63.49
CA ASN A 218 44.32 -5.49 -63.89
C ASN A 218 44.05 -5.32 -65.38
N ILE A 219 44.11 -4.08 -65.84
CA ILE A 219 43.92 -3.76 -67.24
C ILE A 219 44.99 -4.43 -68.09
N ALA A 220 46.22 -4.42 -67.59
CA ALA A 220 47.32 -5.09 -68.26
C ALA A 220 47.05 -6.58 -68.40
N THR A 221 46.42 -7.15 -67.37
CA THR A 221 46.04 -8.56 -67.39
C THR A 221 44.94 -8.80 -68.42
N LEU A 222 44.06 -7.81 -68.58
CA LEU A 222 42.99 -7.91 -69.57
C LEU A 222 43.56 -7.90 -70.98
N GLN A 223 44.49 -6.98 -71.22
CA GLN A 223 45.20 -6.89 -72.49
C GLN A 223 45.94 -8.19 -72.74
N LYS A 224 46.48 -8.78 -71.67
CA LYS A 224 47.19 -10.04 -71.76
C LYS A 224 46.24 -11.15 -72.21
N LEU A 225 45.04 -11.17 -71.64
CA LEU A 225 44.02 -12.14 -72.03
C LEU A 225 43.70 -12.00 -73.52
N LEU A 226 43.48 -10.75 -73.94
CA LEU A 226 43.18 -10.48 -75.34
C LEU A 226 44.31 -10.95 -76.26
N ARG A 227 45.55 -10.76 -75.80
CA ARG A 227 46.72 -11.22 -76.55
C ARG A 227 46.79 -12.74 -76.57
N GLN A 228 46.23 -13.39 -75.56
CA GLN A 228 46.18 -14.85 -75.52
C GLN A 228 45.18 -15.38 -76.54
N LEU A 229 43.99 -14.78 -76.56
CA LEU A 229 42.98 -15.18 -77.54
C LEU A 229 43.44 -14.89 -78.96
N GLU A 230 44.10 -13.75 -79.14
CA GLU A 230 44.68 -13.39 -80.44
C GLU A 230 45.77 -14.38 -80.81
N MET A 231 46.51 -14.84 -79.81
CA MET A 231 47.56 -15.83 -80.01
C MET A 231 46.99 -17.12 -80.56
N GLN A 232 46.07 -17.73 -79.80
CA GLN A 232 45.44 -18.98 -80.21
C GLN A 232 44.74 -18.85 -81.56
N LYS A 233 44.16 -17.68 -81.80
CA LYS A 233 43.54 -17.39 -83.09
C LYS A 233 44.58 -17.42 -84.21
N SER A 234 45.77 -16.89 -83.93
CA SER A 234 46.87 -16.90 -84.89
C SER A 234 47.34 -18.32 -85.15
N GLN A 235 47.37 -19.12 -84.10
CA GLN A 235 47.74 -20.53 -84.20
C GLN A 235 46.79 -21.26 -85.15
N ASN A 236 45.50 -21.21 -84.84
CA ASN A 236 44.49 -21.89 -85.65
C ASN A 236 44.40 -21.37 -87.09
N GLU A 237 44.54 -20.06 -87.25
CA GLU A 237 44.57 -19.45 -88.57
C GLU A 237 45.72 -20.03 -89.37
N ALA A 238 46.87 -20.18 -88.71
CA ALA A 238 48.05 -20.75 -89.34
C ALA A 238 47.82 -22.20 -89.77
N VAL A 239 47.43 -23.04 -88.81
CA VAL A 239 47.14 -24.45 -89.10
C VAL A 239 46.22 -24.57 -90.30
N CYS A 240 45.12 -23.82 -90.25
CA CYS A 240 44.13 -23.85 -91.32
C CYS A 240 44.68 -23.30 -92.64
N GLU A 241 45.70 -22.44 -92.57
CA GLU A 241 46.34 -21.95 -93.79
C GLU A 241 47.15 -23.08 -94.43
N GLY A 242 47.87 -23.82 -93.59
CA GLY A 242 48.60 -24.99 -94.05
C GLY A 242 47.66 -25.97 -94.72
N LEU A 243 46.53 -26.21 -94.06
CA LEU A 243 45.48 -27.08 -94.61
C LEU A 243 44.92 -26.58 -95.94
N ARG A 244 44.62 -25.29 -96.02
CA ARG A 244 44.14 -24.66 -97.25
C ARG A 244 45.07 -25.00 -98.40
N THR A 245 46.33 -24.59 -98.23
CA THR A 245 47.36 -24.86 -99.20
C THR A 245 47.37 -26.34 -99.58
N GLN A 246 47.25 -27.21 -98.59
CA GLN A 246 47.22 -28.65 -98.85
C GLN A 246 46.07 -29.06 -99.76
N ILE A 247 44.90 -28.45 -99.57
CA ILE A 247 43.73 -28.78 -100.39
C ILE A 247 43.91 -28.32 -101.84
N ARG A 248 44.31 -27.06 -102.03
CA ARG A 248 44.56 -26.58 -103.38
C ARG A 248 45.63 -27.42 -104.06
N GLU A 249 46.62 -27.81 -103.28
CA GLU A 249 47.78 -28.57 -103.77
C GLU A 249 47.40 -29.97 -104.23
N LEU A 250 46.69 -30.70 -103.37
CA LEU A 250 46.23 -32.04 -103.72
C LEU A 250 45.23 -31.98 -104.87
N TRP A 251 44.51 -30.88 -104.97
CA TRP A 251 43.67 -30.63 -106.13
C TRP A 251 44.53 -30.57 -107.39
N ASP A 252 45.61 -29.78 -107.33
CA ASP A 252 46.49 -29.57 -108.47
C ASP A 252 47.26 -30.83 -108.88
N ARG A 253 47.59 -31.67 -107.91
CA ARG A 253 48.30 -32.92 -108.17
C ARG A 253 47.40 -33.87 -108.97
N LEU A 254 46.15 -33.98 -108.55
CA LEU A 254 45.17 -34.81 -109.24
C LEU A 254 44.33 -33.94 -110.18
N GLN A 255 43.16 -34.44 -110.54
CA GLN A 255 42.24 -33.68 -111.38
C GLN A 255 41.42 -32.73 -110.52
N ILE A 256 41.50 -31.44 -110.82
CA ILE A 256 40.78 -30.43 -110.05
C ILE A 256 39.62 -29.82 -110.84
N PRO A 257 38.40 -30.26 -110.54
CA PRO A 257 37.19 -29.66 -111.13
C PRO A 257 36.75 -28.47 -110.29
N GLU A 258 36.21 -27.44 -110.95
CA GLU A 258 35.78 -26.25 -110.25
C GLU A 258 34.41 -26.43 -109.61
N GLU A 259 33.71 -27.48 -110.02
CA GLU A 259 32.41 -27.80 -109.44
C GLU A 259 32.59 -28.37 -108.04
N GLU A 260 33.42 -29.40 -107.93
CA GLU A 260 33.71 -30.01 -106.64
C GLU A 260 34.45 -29.02 -105.74
N ARG A 261 35.29 -28.20 -106.36
CA ARG A 261 36.00 -27.15 -105.64
C ARG A 261 35.01 -26.12 -105.10
N GLU A 262 33.95 -25.89 -105.86
CA GLU A 262 32.88 -25.00 -105.42
C GLU A 262 32.11 -25.62 -104.26
N ALA A 263 31.89 -26.93 -104.34
CA ALA A 263 31.21 -27.65 -103.28
C ALA A 263 32.00 -27.55 -101.97
N VAL A 264 33.30 -27.82 -102.06
CA VAL A 264 34.18 -27.69 -100.91
C VAL A 264 34.17 -26.26 -100.40
N ALA A 265 34.16 -25.30 -101.32
CA ALA A 265 34.12 -23.89 -100.97
C ALA A 265 32.88 -23.55 -100.16
N THR A 266 31.75 -24.12 -100.55
CA THR A 266 30.51 -23.94 -99.81
C THR A 266 30.61 -24.63 -98.46
N ILE A 267 31.36 -25.73 -98.42
CA ILE A 267 31.62 -26.43 -97.16
C ILE A 267 32.75 -25.75 -96.40
N MET A 268 33.51 -24.90 -97.11
CA MET A 268 34.64 -24.20 -96.50
C MET A 268 34.19 -23.03 -95.65
N SER A 269 34.83 -22.86 -94.51
CA SER A 269 34.58 -21.71 -93.64
C SER A 269 35.90 -21.13 -93.15
N GLY A 270 35.87 -20.49 -91.98
CA GLY A 270 37.07 -19.93 -91.40
C GLY A 270 37.85 -20.97 -90.60
N SER A 271 38.50 -20.54 -89.54
CA SER A 271 39.24 -21.45 -88.67
C SER A 271 38.52 -21.63 -87.34
N LYS A 272 37.21 -21.43 -87.36
CA LYS A 272 36.39 -21.50 -86.15
C LYS A 272 35.87 -22.91 -85.90
N ALA A 273 35.66 -23.24 -84.63
CA ALA A 273 35.08 -24.52 -84.21
C ALA A 273 35.84 -25.73 -84.76
N LYS A 274 35.09 -26.75 -85.15
CA LYS A 274 35.69 -28.01 -85.59
C LYS A 274 35.81 -28.11 -87.11
N VAL A 275 36.35 -27.06 -87.74
CA VAL A 275 36.62 -27.11 -89.16
C VAL A 275 37.92 -27.89 -89.42
N ARG A 276 38.85 -27.80 -88.47
CA ARG A 276 40.12 -28.51 -88.55
C ARG A 276 39.89 -30.01 -88.68
N LYS A 277 38.90 -30.53 -87.94
CA LYS A 277 38.56 -31.94 -88.00
C LYS A 277 37.97 -32.29 -89.36
N ALA A 278 37.27 -31.32 -89.96
CA ALA A 278 36.64 -31.56 -91.26
C ALA A 278 37.67 -31.62 -92.38
N LEU A 279 38.36 -30.50 -92.60
CA LEU A 279 39.37 -30.38 -93.66
C LEU A 279 40.38 -31.52 -93.60
N GLN A 280 40.88 -31.80 -92.40
CA GLN A 280 41.82 -32.91 -92.19
C GLN A 280 41.27 -34.19 -92.79
N LEU A 281 40.03 -34.52 -92.39
CA LEU A 281 39.36 -35.73 -92.88
C LEU A 281 39.35 -35.74 -94.41
N GLU A 282 39.16 -34.57 -95.00
CA GLU A 282 39.15 -34.46 -96.45
C GLU A 282 40.55 -34.61 -97.02
N VAL A 283 41.54 -34.01 -96.36
CA VAL A 283 42.93 -34.09 -96.81
C VAL A 283 43.33 -35.55 -96.97
N ASP A 284 43.25 -36.30 -95.87
CA ASP A 284 43.53 -37.72 -95.89
C ASP A 284 42.64 -38.43 -96.91
N ARG A 285 41.39 -37.98 -97.03
CA ARG A 285 40.48 -38.57 -98.01
C ARG A 285 41.09 -38.44 -99.40
N LEU A 286 41.57 -37.24 -99.72
CA LEU A 286 42.26 -37.04 -100.98
C LEU A 286 43.49 -37.94 -101.02
N GLU A 287 44.22 -37.97 -99.91
CA GLU A 287 45.40 -38.81 -99.79
C GLU A 287 45.02 -40.26 -100.00
N GLU A 288 43.79 -40.61 -99.65
CA GLU A 288 43.30 -41.96 -99.88
C GLU A 288 42.97 -42.15 -101.35
N LEU A 289 42.29 -41.15 -101.94
CA LEU A 289 41.92 -41.21 -103.34
C LEU A 289 43.16 -41.42 -104.20
N LYS A 290 44.14 -40.56 -104.00
CA LYS A 290 45.44 -40.68 -104.64
C LYS A 290 46.01 -42.07 -104.40
N MET A 291 45.95 -42.52 -103.14
CA MET A 291 46.47 -43.82 -102.75
C MET A 291 45.82 -44.94 -103.57
N GLN A 292 44.55 -44.75 -103.90
CA GLN A 292 43.87 -45.72 -104.74
C GLN A 292 44.33 -45.57 -106.18
N ASN A 293 44.35 -44.32 -106.66
CA ASN A 293 44.72 -44.04 -108.04
C ASN A 293 46.02 -44.70 -108.42
N MET A 294 47.10 -44.26 -107.76
CA MET A 294 48.43 -44.82 -107.96
C MET A 294 48.44 -46.34 -107.83
N LYS A 295 47.62 -46.87 -106.93
CA LYS A 295 47.53 -48.32 -106.77
C LYS A 295 46.91 -48.93 -108.03
N LYS A 296 45.74 -48.40 -108.41
CA LYS A 296 44.98 -48.92 -109.54
C LYS A 296 45.86 -49.05 -110.78
N VAL A 297 46.46 -47.93 -111.18
CA VAL A 297 47.39 -47.89 -112.30
C VAL A 297 48.42 -49.01 -112.18
N ILE A 298 49.07 -49.07 -111.02
CA ILE A 298 50.08 -50.11 -110.79
C ILE A 298 49.49 -51.49 -111.04
N GLU A 299 48.33 -51.75 -110.44
CA GLU A 299 47.64 -53.02 -110.65
C GLU A 299 47.52 -53.29 -112.13
N ALA A 300 46.99 -52.31 -112.86
CA ALA A 300 46.84 -52.43 -114.31
C ALA A 300 48.18 -52.80 -114.93
N ILE A 301 49.19 -51.99 -114.63
CA ILE A 301 50.51 -52.21 -115.23
C ILE A 301 50.99 -53.61 -114.90
N ARG A 302 50.70 -54.06 -113.68
CA ARG A 302 51.17 -55.36 -113.25
C ARG A 302 50.61 -56.42 -114.18
N VAL A 303 49.31 -56.35 -114.44
CA VAL A 303 48.66 -57.27 -115.35
C VAL A 303 49.45 -57.27 -116.66
N GLU A 304 49.64 -56.07 -117.20
CA GLU A 304 50.32 -55.90 -118.48
C GLU A 304 51.68 -56.56 -118.41
N LEU A 305 52.40 -56.31 -117.31
CA LEU A 305 53.71 -56.92 -117.11
C LEU A 305 53.60 -58.42 -117.28
N VAL A 306 52.74 -59.04 -116.47
CA VAL A 306 52.56 -60.48 -116.51
C VAL A 306 52.16 -60.90 -117.92
N GLN A 307 51.31 -60.09 -118.55
CA GLN A 307 50.87 -60.41 -119.91
C GLN A 307 52.08 -60.52 -120.80
N TYR A 308 52.93 -59.49 -120.79
CA TYR A 308 54.12 -59.49 -121.62
C TYR A 308 55.13 -60.52 -121.14
N TRP A 309 55.00 -60.92 -119.87
CA TRP A 309 55.80 -62.02 -119.38
C TRP A 309 55.28 -63.29 -120.06
N ASP A 310 53.97 -63.47 -120.04
CA ASP A 310 53.35 -64.66 -120.62
C ASP A 310 53.52 -64.72 -122.14
N GLN A 311 53.72 -63.56 -122.75
CA GLN A 311 53.96 -63.49 -124.19
C GLN A 311 55.43 -63.69 -124.52
N CYS A 312 56.23 -63.98 -123.49
CA CYS A 312 57.66 -64.19 -123.67
C CYS A 312 58.28 -64.97 -122.52
N PHE A 313 58.50 -64.30 -121.39
CA PHE A 313 59.13 -64.88 -120.22
C PHE A 313 58.37 -66.11 -119.69
N TYR A 314 59.02 -67.26 -119.76
CA TYR A 314 58.40 -68.49 -119.26
C TYR A 314 58.94 -68.84 -117.87
N SER A 315 60.22 -68.56 -117.66
CA SER A 315 60.87 -68.89 -116.41
C SER A 315 60.33 -68.05 -115.26
N GLN A 316 59.77 -68.70 -114.25
CA GLN A 316 59.23 -68.01 -113.08
C GLN A 316 60.32 -67.25 -112.35
N GLU A 317 61.53 -67.81 -112.35
CA GLU A 317 62.67 -67.14 -111.75
C GLU A 317 62.96 -65.83 -112.47
N GLN A 318 62.87 -65.86 -113.79
CA GLN A 318 63.11 -64.70 -114.62
C GLN A 318 62.09 -63.60 -114.36
N ARG A 319 60.85 -64.02 -114.08
CA ARG A 319 59.78 -63.08 -113.77
C ARG A 319 59.92 -62.52 -112.37
N GLN A 320 60.43 -63.34 -111.47
CA GLN A 320 60.69 -62.94 -110.10
C GLN A 320 61.89 -61.99 -110.02
N ALA A 321 62.73 -62.05 -111.05
CA ALA A 321 63.93 -61.20 -111.11
C ALA A 321 63.58 -59.72 -111.22
N PHE A 322 62.32 -59.41 -111.47
CA PHE A 322 61.79 -58.05 -111.44
C PHE A 322 62.02 -57.48 -110.04
N ALA A 323 62.06 -58.38 -109.07
CA ALA A 323 62.20 -58.05 -107.65
C ALA A 323 60.96 -57.34 -107.06
N PRO A 324 60.91 -55.98 -107.03
CA PRO A 324 59.61 -55.60 -106.47
C PRO A 324 58.48 -55.68 -107.50
N PHE A 325 57.46 -56.44 -107.08
CA PHE A 325 56.24 -56.60 -107.85
C PHE A 325 55.20 -56.96 -106.83
N CYS A 326 55.65 -57.67 -105.80
CA CYS A 326 54.82 -58.08 -104.69
C CYS A 326 54.66 -56.93 -103.70
N ALA A 327 55.63 -56.01 -103.72
CA ALA A 327 55.63 -54.86 -102.81
C ALA A 327 54.37 -54.02 -102.98
N GLU A 328 53.86 -53.50 -101.87
CA GLU A 328 52.60 -52.78 -101.85
C GLU A 328 52.79 -51.34 -101.39
N TYR A 330 52.76 -47.95 -101.70
CA TYR A 330 52.67 -47.41 -103.06
C TYR A 330 53.33 -46.05 -103.17
N THR A 331 54.66 -46.06 -103.29
CA THR A 331 55.42 -44.81 -103.41
C THR A 331 55.67 -44.48 -104.87
N GLU A 332 55.82 -43.19 -105.16
CA GLU A 332 56.02 -42.72 -106.52
C GLU A 332 57.16 -43.45 -107.19
N SER A 333 58.21 -43.71 -106.41
CA SER A 333 59.36 -44.47 -106.85
C SER A 333 58.97 -45.84 -107.41
N LEU A 334 58.06 -46.53 -106.71
CA LEU A 334 57.57 -47.82 -107.15
C LEU A 334 56.92 -47.72 -108.54
N LEU A 335 56.03 -46.74 -108.69
CA LEU A 335 55.32 -46.53 -109.94
C LEU A 335 56.27 -46.23 -111.10
N GLN A 336 57.13 -45.23 -110.90
CA GLN A 336 58.12 -44.86 -111.91
C GLN A 336 58.98 -46.06 -112.29
N LEU A 337 59.34 -46.86 -111.29
CA LEU A 337 60.11 -48.07 -111.50
C LEU A 337 59.37 -49.05 -112.40
N HIS A 338 58.08 -49.23 -112.14
CA HIS A 338 57.23 -50.06 -112.98
C HIS A 338 57.21 -49.53 -114.41
N ASP A 339 57.16 -48.21 -114.56
CA ASP A 339 57.16 -47.57 -115.86
C ASP A 339 58.44 -47.89 -116.64
N ALA A 340 59.58 -47.68 -116.00
CA ALA A 340 60.87 -47.95 -116.63
C ALA A 340 61.01 -49.42 -117.02
N GLU A 341 60.67 -50.29 -116.07
CA GLU A 341 60.70 -51.73 -116.30
C GLU A 341 59.86 -52.13 -117.51
N ILE A 342 58.60 -51.69 -117.53
CA ILE A 342 57.68 -52.10 -118.59
C ILE A 342 58.00 -51.45 -119.94
N VAL A 343 58.60 -50.27 -119.92
CA VAL A 343 59.04 -49.64 -121.16
C VAL A 343 60.16 -50.47 -121.75
N ARG A 344 61.14 -50.77 -120.89
CA ARG A 344 62.28 -51.60 -121.26
C ARG A 344 61.83 -52.92 -121.86
N LEU A 345 60.93 -53.61 -121.15
CA LEU A 345 60.41 -54.89 -121.60
C LEU A 345 59.62 -54.75 -122.92
N LYS A 346 58.85 -53.68 -123.03
CA LYS A 346 58.03 -53.46 -124.22
C LYS A 346 58.85 -53.27 -125.48
N ASN A 347 59.85 -52.38 -125.44
CA ASN A 347 60.68 -52.20 -126.62
C ASN A 347 61.58 -53.42 -126.88
N TYR A 348 62.07 -54.02 -125.79
CA TYR A 348 62.86 -55.25 -125.90
C TYR A 348 62.10 -56.33 -126.65
N TYR A 349 60.82 -56.47 -126.35
CA TYR A 349 59.98 -57.43 -127.05
C TYR A 349 59.67 -56.98 -128.47
N GLU A 350 59.37 -55.69 -128.62
CA GLU A 350 58.96 -55.15 -129.92
C GLU A 350 60.05 -55.32 -130.97
N VAL A 351 61.30 -55.29 -130.53
CA VAL A 351 62.41 -55.54 -131.44
C VAL A 351 62.43 -57.01 -131.89
N HIS A 352 62.06 -57.91 -131.00
CA HIS A 352 62.05 -59.35 -131.29
C HIS A 352 60.64 -59.88 -131.52
N LYS A 353 59.77 -59.01 -132.02
CA LYS A 353 58.35 -59.33 -132.21
C LYS A 353 58.16 -60.53 -133.13
N GLU A 354 58.71 -60.43 -134.34
CA GLU A 354 58.64 -61.50 -135.32
C GLU A 354 59.26 -62.79 -134.78
N LEU A 355 60.32 -62.63 -133.99
CA LEU A 355 61.01 -63.76 -133.38
C LEU A 355 60.09 -64.55 -132.45
N PHE A 356 59.52 -63.86 -131.46
CA PHE A 356 58.63 -64.53 -130.51
C PHE A 356 57.36 -65.03 -131.18
N GLU A 357 56.90 -64.30 -132.20
CA GLU A 357 55.76 -64.73 -132.99
C GLU A 357 56.03 -66.08 -133.66
N GLY A 358 57.21 -66.21 -134.25
CA GLY A 358 57.64 -67.47 -134.83
C GLY A 358 57.76 -68.55 -133.77
N VAL A 359 58.23 -68.14 -132.59
CA VAL A 359 58.39 -69.07 -131.47
C VAL A 359 57.06 -69.69 -131.05
N GLN A 360 56.01 -68.87 -131.00
CA GLN A 360 54.68 -69.38 -130.68
C GLN A 360 54.12 -70.18 -131.85
N LYS A 361 54.41 -69.72 -133.06
CA LYS A 361 53.94 -70.38 -134.27
C LYS A 361 54.45 -71.82 -134.36
N TRP A 362 55.67 -72.05 -133.89
CA TRP A 362 56.25 -73.38 -133.91
C TRP A 362 55.43 -74.39 -133.11
N GLU A 363 55.09 -74.02 -131.89
CA GLU A 363 54.28 -74.89 -131.04
C GLU A 363 52.86 -75.00 -131.58
N GLU A 364 52.32 -73.87 -132.05
CA GLU A 364 50.98 -73.82 -132.61
C GLU A 364 50.84 -74.77 -133.80
N THR A 365 51.92 -74.97 -134.54
CA THR A 365 51.94 -75.87 -135.68
C THR A 365 52.27 -77.29 -135.22
N TRP A 366 53.06 -77.38 -134.15
CA TRP A 366 53.49 -78.67 -133.63
C TRP A 366 52.33 -79.48 -133.06
N ARG A 367 51.53 -78.84 -132.21
CA ARG A 367 50.35 -79.49 -131.64
C ARG A 367 49.41 -79.99 -132.73
N LEU A 368 49.17 -79.14 -133.72
CA LEU A 368 48.31 -79.48 -134.84
C LEU A 368 48.85 -80.67 -135.62
N PHE A 369 50.14 -80.64 -135.93
CA PHE A 369 50.77 -81.72 -136.68
C PHE A 369 50.70 -83.04 -135.91
N LEU A 370 50.91 -82.97 -134.59
CA LEU A 370 50.81 -84.16 -133.76
C LEU A 370 49.38 -84.69 -133.73
N GLU A 371 48.41 -83.78 -133.82
CA GLU A 371 47.02 -84.19 -133.91
C GLU A 371 46.74 -84.91 -135.23
N PHE A 372 47.29 -84.37 -136.32
CA PHE A 372 47.13 -84.98 -137.63
C PHE A 372 47.82 -86.34 -137.72
N GLU A 373 48.93 -86.50 -137.01
CA GLU A 373 49.63 -87.78 -136.99
C GLU A 373 48.90 -88.78 -136.10
N ARG A 374 48.31 -88.28 -135.02
CA ARG A 374 47.50 -89.12 -134.14
C ARG A 374 46.26 -89.62 -134.89
N LYS A 375 45.77 -88.77 -135.80
CA LYS A 375 44.65 -89.16 -136.65
C LYS A 375 45.14 -89.96 -137.85
N ALA A 376 46.46 -89.95 -138.05
CA ALA A 376 47.08 -90.70 -139.15
C ALA A 376 47.30 -92.15 -138.73
N SER A 377 47.53 -92.35 -137.43
CA SER A 377 47.53 -93.69 -136.88
C SER A 377 46.14 -94.27 -137.08
N ASP A 378 45.14 -93.41 -136.93
CA ASP A 378 43.75 -93.71 -137.24
C ASP A 378 43.21 -94.99 -136.58
N PRO A 379 43.07 -94.97 -135.25
CA PRO A 379 42.47 -96.13 -134.58
C PRO A 379 40.98 -96.22 -134.91
N ASN A 380 40.32 -95.07 -134.98
CA ASN A 380 38.92 -95.00 -135.36
C ASN A 380 38.75 -95.23 -136.86
N ARG A 381 39.13 -94.22 -137.65
CA ARG A 381 39.07 -94.29 -139.11
C ARG A 381 37.67 -94.63 -139.62
N ARG A 385 35.91 -91.45 -138.13
CA ARG A 385 36.15 -90.25 -137.33
C ARG A 385 35.60 -88.99 -138.01
N GLY A 386 36.50 -88.10 -138.41
CA GLY A 386 36.10 -86.86 -139.06
C GLY A 386 36.13 -86.95 -140.57
N GLY A 387 35.56 -85.96 -141.25
CA GLY A 387 35.44 -85.98 -142.69
C GLY A 387 36.71 -85.60 -143.43
N ASN A 388 36.69 -85.81 -144.75
CA ASN A 388 37.79 -85.45 -145.64
C ASN A 388 39.11 -86.11 -145.29
N LEU A 389 39.29 -87.36 -145.72
CA LEU A 389 40.53 -88.08 -145.47
C LEU A 389 41.65 -87.55 -146.35
N LEU A 390 41.36 -87.38 -147.64
CA LEU A 390 42.34 -86.89 -148.60
C LEU A 390 42.82 -85.49 -148.25
N LYS A 391 41.89 -84.62 -147.87
CA LYS A 391 42.23 -83.26 -147.47
C LYS A 391 43.13 -83.28 -146.24
N GLU A 392 42.78 -84.11 -145.27
CA GLU A 392 43.59 -84.26 -144.07
C GLU A 392 45.01 -84.70 -144.39
N GLU A 393 45.14 -85.63 -145.32
CA GLU A 393 46.46 -86.06 -145.78
C GLU A 393 47.22 -84.91 -146.41
N LYS A 394 46.53 -84.15 -147.26
CA LYS A 394 47.10 -82.99 -147.92
C LYS A 394 47.69 -81.99 -146.93
N GLN A 395 46.86 -81.54 -145.99
CA GLN A 395 47.29 -80.56 -145.00
C GLN A 395 48.35 -81.12 -144.05
N ARG A 396 48.30 -82.42 -143.80
CA ARG A 396 49.33 -83.06 -142.98
C ARG A 396 50.68 -82.95 -143.67
N ALA A 397 50.69 -83.26 -144.97
CA ALA A 397 51.91 -83.14 -145.77
C ALA A 397 52.38 -81.69 -145.82
N LYS A 398 51.43 -80.77 -145.93
CA LYS A 398 51.74 -79.34 -145.96
C LYS A 398 52.42 -78.89 -144.68
N LEU A 399 51.94 -79.39 -143.54
CA LEU A 399 52.55 -79.07 -142.26
C LEU A 399 53.94 -79.71 -142.15
N GLN A 400 54.05 -80.94 -142.62
CA GLN A 400 55.33 -81.65 -142.58
C GLN A 400 56.38 -80.94 -143.45
N LYS A 401 55.92 -80.23 -144.48
CA LYS A 401 56.82 -79.46 -145.33
C LYS A 401 57.01 -78.05 -144.77
N MET A 402 56.11 -77.65 -143.87
CA MET A 402 56.15 -76.32 -143.29
C MET A 402 57.13 -76.23 -142.12
N LEU A 403 57.11 -77.24 -141.26
CA LEU A 403 57.95 -77.25 -140.06
C LEU A 403 59.46 -77.05 -140.29
N PRO A 404 60.08 -77.83 -141.20
CA PRO A 404 61.53 -77.66 -141.37
C PRO A 404 61.91 -76.27 -141.89
N LYS A 405 61.02 -75.66 -142.65
CA LYS A 405 61.25 -74.31 -143.16
C LYS A 405 61.29 -73.31 -142.01
N LEU A 406 60.54 -73.61 -140.95
CA LEU A 406 60.53 -72.77 -139.76
C LEU A 406 61.57 -73.27 -138.76
N GLU A 407 61.82 -74.57 -138.77
CA GLU A 407 62.79 -75.18 -137.87
C GLU A 407 64.19 -74.64 -138.10
N GLU A 408 64.57 -74.55 -139.36
CA GLU A 408 65.88 -73.99 -139.73
C GLU A 408 65.88 -72.48 -139.53
N GLU A 409 64.69 -71.88 -139.65
CA GLU A 409 64.55 -70.44 -139.48
C GLU A 409 64.74 -70.03 -138.02
N LEU A 410 64.15 -70.79 -137.11
CA LEU A 410 64.25 -70.50 -135.69
C LEU A 410 65.64 -70.85 -135.14
N LYS A 411 66.22 -71.91 -135.67
CA LYS A 411 67.56 -72.34 -135.25
C LYS A 411 68.59 -71.27 -135.57
N ALA A 412 68.36 -70.54 -136.66
CA ALA A 412 69.26 -69.47 -137.06
C ALA A 412 69.03 -68.22 -136.21
N ARG A 413 67.77 -67.91 -135.94
CA ARG A 413 67.43 -66.73 -135.15
C ARG A 413 67.91 -66.84 -133.70
N ILE A 414 67.83 -68.03 -133.14
CA ILE A 414 68.33 -68.28 -131.79
C ILE A 414 69.85 -68.16 -131.76
N GLU A 415 70.50 -68.79 -132.72
CA GLU A 415 71.95 -68.76 -132.82
C GLU A 415 72.45 -67.33 -133.03
N LEU A 416 71.72 -66.56 -133.84
CA LEU A 416 72.07 -65.17 -134.10
C LEU A 416 71.86 -64.31 -132.86
N TRP A 417 70.86 -64.66 -132.06
CA TRP A 417 70.54 -63.92 -130.86
C TRP A 417 71.50 -64.24 -129.72
N GLU A 418 71.81 -65.52 -129.54
CA GLU A 418 72.70 -65.95 -128.46
C GLU A 418 74.15 -65.55 -128.72
N GLN A 419 74.50 -65.39 -129.99
CA GLN A 419 75.88 -65.14 -130.38
C GLN A 419 76.44 -63.84 -129.81
N GLU A 420 75.68 -62.75 -129.94
CA GLU A 420 76.16 -61.43 -129.56
C GLU A 420 75.41 -60.84 -128.36
N HIS A 421 74.09 -60.98 -128.36
CA HIS A 421 73.25 -60.34 -127.36
C HIS A 421 73.48 -60.85 -125.94
N SER A 422 73.42 -62.17 -125.76
CA SER A 422 73.53 -62.75 -124.42
C SER A 422 74.53 -63.91 -124.35
N LYS A 423 74.40 -64.72 -123.32
CA LYS A 423 75.29 -65.86 -123.10
C LYS A 423 74.59 -67.18 -123.41
N ALA A 424 73.38 -67.35 -122.87
CA ALA A 424 72.62 -68.58 -123.08
C ALA A 424 71.12 -68.34 -122.96
N PHE A 425 70.36 -69.41 -122.96
CA PHE A 425 68.90 -69.33 -122.86
C PHE A 425 68.29 -70.66 -122.44
N MET A 426 67.15 -70.61 -121.76
CA MET A 426 66.49 -71.82 -121.28
C MET A 426 65.00 -71.60 -121.05
N VAL A 427 64.19 -71.87 -122.06
CA VAL A 427 62.74 -71.73 -121.96
C VAL A 427 62.12 -72.94 -121.27
N ASN A 428 61.42 -72.69 -120.17
CA ASN A 428 60.74 -73.75 -119.39
C ASN A 428 61.69 -74.84 -118.96
N GLY A 429 62.93 -74.46 -118.67
CA GLY A 429 63.93 -75.43 -118.31
C GLY A 429 65.13 -75.36 -119.24
N GLN A 430 66.23 -75.96 -118.81
CA GLN A 430 67.46 -75.98 -119.60
C GLN A 430 67.30 -76.74 -120.91
N LYS A 431 68.23 -76.51 -121.84
CA LYS A 431 68.13 -77.04 -123.21
C LYS A 431 66.73 -76.85 -123.78
N PHE A 432 66.39 -75.62 -124.13
CA PHE A 432 65.05 -75.30 -124.64
C PHE A 432 64.61 -76.29 -125.72
N MET A 433 65.57 -76.77 -126.51
CA MET A 433 65.31 -77.77 -127.53
C MET A 433 64.94 -79.13 -126.96
N GLU A 434 65.40 -79.46 -125.75
CA GLU A 434 65.12 -80.77 -125.16
C GLU A 434 63.63 -81.08 -125.09
N TYR A 435 62.81 -80.04 -125.02
CA TYR A 435 61.37 -80.18 -125.16
C TYR A 435 61.05 -80.67 -126.57
N VAL A 436 61.63 -80.02 -127.57
CA VAL A 436 61.43 -80.40 -128.97
C VAL A 436 61.85 -81.84 -129.23
N ALA A 437 63.08 -82.18 -128.85
CA ALA A 437 63.62 -83.52 -129.03
C ALA A 437 62.86 -84.56 -128.23
N GLU A 438 62.30 -84.15 -127.10
CA GLU A 438 61.50 -85.07 -126.28
C GLU A 438 60.18 -85.37 -126.96
N GLN A 439 59.57 -84.34 -127.54
CA GLN A 439 58.32 -84.51 -128.27
C GLN A 439 58.53 -85.36 -129.52
N TRP A 440 59.63 -85.11 -130.22
CA TRP A 440 60.00 -85.93 -131.37
C TRP A 440 60.29 -87.35 -130.92
N GLU A 441 60.77 -87.50 -129.69
CA GLU A 441 61.06 -88.81 -129.13
C GLU A 441 59.78 -89.60 -128.84
N MET A 442 58.80 -88.95 -128.22
CA MET A 442 57.54 -89.61 -127.92
C MET A 442 56.76 -89.91 -129.21
N HIS A 443 56.86 -89.01 -130.18
CA HIS A 443 56.21 -89.23 -131.47
C HIS A 443 56.86 -90.41 -132.19
N ARG A 444 58.18 -90.48 -132.13
CA ARG A 444 58.93 -91.58 -132.71
C ARG A 444 58.59 -92.88 -131.99
N LEU A 445 58.25 -92.77 -130.72
CA LEU A 445 57.81 -93.92 -129.93
C LEU A 445 56.42 -94.37 -130.39
N GLU A 446 55.58 -93.42 -130.75
CA GLU A 446 54.26 -93.72 -131.29
C GLU A 446 54.40 -94.44 -132.63
N LYS A 447 55.31 -93.95 -133.47
CA LYS A 447 55.55 -94.55 -134.77
C LYS A 447 56.13 -95.96 -134.65
N GLU A 448 57.05 -96.13 -133.71
CA GLU A 448 57.68 -97.43 -133.48
C GLU A 448 56.66 -98.42 -132.95
N ARG A 449 55.79 -97.96 -132.05
CA ARG A 449 54.75 -98.80 -131.48
C ARG A 449 53.74 -99.21 -132.54
N ALA A 450 53.40 -98.27 -133.42
CA ALA A 450 52.46 -98.53 -134.49
C ALA A 450 53.04 -99.54 -135.49
N LYS A 451 54.31 -99.36 -135.83
CA LYS A 451 55.00 -100.26 -136.74
C LYS A 451 55.18 -101.63 -136.09
N GLN A 452 55.22 -101.66 -134.77
CA GLN A 452 55.34 -102.90 -134.03
C GLN A 452 54.00 -103.64 -134.02
N GLU A 453 52.91 -102.89 -133.91
CA GLU A 453 51.57 -103.47 -133.93
C GLU A 453 51.25 -104.02 -135.30
N ARG A 454 51.83 -103.44 -136.34
CA ARG A 454 51.63 -103.89 -137.70
C ARG A 454 52.57 -105.05 -138.04
N ARG B 6 7.26 66.16 12.01
CA ARG B 6 8.53 66.77 11.62
C ARG B 6 9.59 65.71 11.35
N ARG B 7 9.30 64.48 11.73
CA ARG B 7 10.22 63.36 11.52
C ARG B 7 9.74 62.47 10.38
N SER B 8 8.42 62.31 10.28
CA SER B 8 7.82 61.51 9.23
C SER B 8 8.01 62.18 7.87
N GLU B 9 7.96 63.51 7.87
CA GLU B 9 8.15 64.28 6.65
C GLU B 9 9.57 64.10 6.12
N VAL B 10 10.53 64.08 7.03
CA VAL B 10 11.94 63.88 6.67
C VAL B 10 12.16 62.49 6.06
N LEU B 11 11.55 61.48 6.68
CA LEU B 11 11.64 60.12 6.18
C LEU B 11 11.01 60.03 4.79
N ALA B 12 9.87 60.70 4.63
CA ALA B 12 9.15 60.72 3.35
C ALA B 12 10.01 61.32 2.24
N GLU B 13 10.54 62.52 2.50
CA GLU B 13 11.41 63.19 1.55
C GLU B 13 12.66 62.38 1.26
N GLU B 14 13.12 61.64 2.26
CA GLU B 14 14.26 60.75 2.10
C GLU B 14 13.94 59.65 1.09
N SER B 15 12.77 59.03 1.26
CA SER B 15 12.31 57.99 0.35
C SER B 15 12.16 58.53 -1.07
N ILE B 16 11.61 59.74 -1.18
CA ILE B 16 11.46 60.38 -2.48
C ILE B 16 12.82 60.62 -3.14
N VAL B 17 13.78 61.10 -2.36
CA VAL B 17 15.15 61.29 -2.84
C VAL B 17 15.72 59.97 -3.36
N CYS B 18 15.52 58.90 -2.59
CA CYS B 18 15.98 57.57 -2.99
C CYS B 18 15.36 57.17 -4.34
N LEU B 19 14.07 57.42 -4.50
CA LEU B 19 13.40 57.14 -5.76
C LEU B 19 14.00 57.95 -6.90
N GLN B 20 14.33 59.20 -6.63
CA GLN B 20 14.93 60.07 -7.64
C GLN B 20 16.28 59.53 -8.10
N LYS B 21 17.14 59.19 -7.14
CA LYS B 21 18.46 58.64 -7.45
C LYS B 21 18.34 57.33 -8.23
N ALA B 22 17.38 56.49 -7.82
CA ALA B 22 17.14 55.23 -8.50
C ALA B 22 16.74 55.45 -9.96
N LEU B 23 15.81 56.37 -10.18
CA LEU B 23 15.34 56.70 -11.52
C LEU B 23 16.48 57.25 -12.38
N ASN B 24 17.29 58.12 -11.80
CA ASN B 24 18.45 58.66 -12.50
C ASN B 24 19.39 57.54 -12.94
N HIS B 25 19.71 56.65 -11.99
CA HIS B 25 20.62 55.54 -12.28
C HIS B 25 20.07 54.64 -13.39
N LEU B 26 18.78 54.33 -13.31
CA LEU B 26 18.14 53.50 -14.34
C LEU B 26 18.18 54.16 -15.71
N ARG B 27 17.88 55.45 -15.76
CA ARG B 27 17.91 56.19 -17.01
C ARG B 27 19.33 56.21 -17.59
N GLU B 28 20.32 56.30 -16.71
CA GLU B 28 21.72 56.28 -17.13
C GLU B 28 22.11 54.92 -17.71
N ILE B 29 21.67 53.84 -17.05
CA ILE B 29 21.92 52.50 -17.55
C ILE B 29 21.29 52.28 -18.91
N TRP B 30 20.02 52.66 -19.03
CA TRP B 30 19.30 52.53 -20.30
C TRP B 30 19.96 53.37 -21.39
N GLU B 31 20.50 54.52 -21.01
CA GLU B 31 21.21 55.38 -21.95
C GLU B 31 22.49 54.73 -22.43
N LEU B 32 23.21 54.11 -21.51
CA LEU B 32 24.45 53.41 -21.85
C LEU B 32 24.19 52.24 -22.80
N ILE B 33 23.29 51.36 -22.39
CA ILE B 33 22.93 50.21 -23.23
C ILE B 33 22.38 50.66 -24.57
N GLY B 34 21.50 51.67 -24.53
CA GLY B 34 20.95 52.24 -25.74
C GLY B 34 19.57 51.73 -26.09
N ILE B 35 18.55 52.42 -25.59
CA ILE B 35 17.17 52.06 -25.88
C ILE B 35 16.41 53.28 -26.42
N PRO B 36 15.82 53.14 -27.63
CA PRO B 36 15.22 54.27 -28.37
C PRO B 36 13.98 54.88 -27.72
N GLU B 37 14.13 55.43 -26.52
CA GLU B 37 13.07 56.21 -25.87
C GLU B 37 11.75 55.47 -25.60
N ASP B 38 11.19 54.85 -26.64
CA ASP B 38 9.88 54.21 -26.53
C ASP B 38 9.83 53.13 -25.45
N GLN B 39 10.76 52.18 -25.50
CA GLN B 39 10.80 51.10 -24.53
C GLN B 39 11.24 51.61 -23.16
N ARG B 40 11.97 52.71 -23.14
CA ARG B 40 12.32 53.36 -21.89
C ARG B 40 11.04 53.90 -21.24
N LEU B 41 10.19 54.51 -22.06
CA LEU B 41 8.93 55.06 -21.60
C LEU B 41 8.02 53.93 -21.13
N GLN B 42 8.09 52.79 -21.82
CA GLN B 42 7.32 51.61 -21.43
C GLN B 42 7.77 51.07 -20.07
N ARG B 43 9.08 50.96 -19.90
CA ARG B 43 9.66 50.48 -18.64
C ARG B 43 9.32 51.41 -17.47
N THR B 44 9.45 52.71 -17.71
CA THR B 44 9.09 53.70 -16.69
C THR B 44 7.60 53.62 -16.37
N GLU B 45 6.80 53.32 -17.38
CA GLU B 45 5.36 53.15 -17.18
C GLU B 45 5.08 51.92 -16.32
N VAL B 46 5.88 50.88 -16.50
CA VAL B 46 5.77 49.66 -15.69
C VAL B 46 6.14 49.95 -14.24
N VAL B 47 7.24 50.67 -14.04
CA VAL B 47 7.69 51.06 -12.72
C VAL B 47 6.61 51.87 -12.00
N LYS B 48 6.16 52.94 -12.65
CA LYS B 48 5.11 53.79 -12.09
C LYS B 48 3.84 53.00 -11.83
N LYS B 49 3.59 51.98 -12.66
CA LYS B 49 2.45 51.10 -12.46
C LYS B 49 2.57 50.36 -11.14
N HIS B 50 3.66 49.62 -10.97
CA HIS B 50 3.88 48.84 -9.75
C HIS B 50 3.90 49.71 -8.49
N ILE B 51 4.58 50.84 -8.58
CA ILE B 51 4.64 51.77 -7.46
C ILE B 51 3.23 52.28 -7.12
N LYS B 52 2.45 52.58 -8.14
CA LYS B 52 1.06 52.97 -7.96
C LYS B 52 0.30 51.88 -7.21
N GLU B 53 0.50 50.64 -7.63
CA GLU B 53 -0.13 49.49 -6.97
C GLU B 53 0.20 49.45 -5.48
N LEU B 54 1.50 49.52 -5.17
CA LEU B 54 1.97 49.47 -3.79
C LEU B 54 1.40 50.59 -2.93
N LEU B 55 1.54 51.83 -3.42
CA LEU B 55 1.06 53.00 -2.70
C LEU B 55 -0.45 52.93 -2.47
N ASP B 56 -1.19 52.56 -3.50
CA ASP B 56 -2.65 52.42 -3.38
C ASP B 56 -3.00 51.33 -2.38
N MET B 57 -2.17 50.29 -2.30
CA MET B 57 -2.35 49.24 -1.31
C MET B 57 -2.20 49.79 0.11
N MET B 58 -1.13 50.54 0.33
CA MET B 58 -0.90 51.17 1.63
C MET B 58 -2.06 52.07 2.03
N ILE B 59 -2.39 53.01 1.15
CA ILE B 59 -3.47 53.96 1.36
C ILE B 59 -4.79 53.26 1.66
N ALA B 60 -5.13 52.27 0.85
CA ALA B 60 -6.35 51.49 1.07
C ALA B 60 -6.34 50.84 2.46
N GLU B 61 -5.19 50.30 2.84
CA GLU B 61 -5.06 49.65 4.15
C GLU B 61 -5.34 50.63 5.28
N GLU B 62 -4.68 51.78 5.25
CA GLU B 62 -4.88 52.79 6.28
C GLU B 62 -6.31 53.32 6.31
N GLU B 63 -6.91 53.44 5.13
CA GLU B 63 -8.30 53.87 5.03
C GLU B 63 -9.24 52.87 5.71
N SER B 64 -9.07 51.59 5.40
CA SER B 64 -9.85 50.54 6.05
C SER B 64 -9.61 50.54 7.56
N LEU B 65 -8.41 50.96 7.97
CA LEU B 65 -8.13 51.12 9.39
C LEU B 65 -9.03 52.22 9.98
N LYS B 66 -9.11 53.35 9.28
CA LYS B 66 -9.97 54.44 9.71
C LYS B 66 -11.43 53.98 9.83
N GLU B 67 -11.89 53.25 8.82
CA GLU B 67 -13.22 52.67 8.82
C GLU B 67 -13.44 51.79 10.06
N ARG B 68 -12.43 50.97 10.37
CA ARG B 68 -12.48 50.13 11.55
C ARG B 68 -12.67 50.96 12.82
N LEU B 69 -11.88 52.02 12.92
CA LEU B 69 -11.95 52.92 14.08
C LEU B 69 -13.32 53.55 14.24
N ILE B 70 -13.85 54.14 13.18
CA ILE B 70 -15.16 54.80 13.25
C ILE B 70 -16.30 53.82 13.56
N LYS B 71 -16.30 52.66 12.90
CA LYS B 71 -17.33 51.67 13.17
C LYS B 71 -17.27 51.23 14.64
N SER B 72 -16.05 50.97 15.11
CA SER B 72 -15.82 50.66 16.51
C SER B 72 -16.46 51.72 17.40
N ILE B 73 -16.23 52.98 17.06
CA ILE B 73 -16.79 54.10 17.80
C ILE B 73 -18.31 54.07 17.81
N SER B 74 -18.93 53.73 16.68
CA SER B 74 -20.37 53.62 16.60
C SER B 74 -20.91 52.56 17.56
N VAL B 75 -20.41 51.33 17.38
CA VAL B 75 -20.82 50.20 18.20
C VAL B 75 -20.67 50.47 19.69
N CYS B 76 -19.50 50.97 20.08
CA CYS B 76 -19.22 51.26 21.48
C CYS B 76 -20.10 52.40 22.01
N GLN B 77 -20.37 53.37 21.14
CA GLN B 77 -21.26 54.48 21.48
C GLN B 77 -22.63 53.95 21.86
N LYS B 78 -23.19 53.12 20.99
CA LYS B 78 -24.51 52.55 21.24
C LYS B 78 -24.52 51.66 22.49
N GLU B 79 -23.56 50.75 22.58
CA GLU B 79 -23.48 49.82 23.70
C GLU B 79 -23.35 50.54 25.05
N LEU B 80 -22.48 51.53 25.11
CA LEU B 80 -22.29 52.33 26.31
C LEU B 80 -23.58 53.11 26.61
N ASN B 81 -24.23 53.58 25.54
CA ASN B 81 -25.50 54.29 25.69
C ASN B 81 -26.56 53.41 26.32
N THR B 82 -26.46 52.10 26.10
CA THR B 82 -27.38 51.17 26.74
C THR B 82 -26.95 50.81 28.17
N LEU B 83 -25.64 50.68 28.37
CA LEU B 83 -25.10 50.28 29.66
C LEU B 83 -25.14 51.41 30.70
N CYS B 84 -25.38 52.63 30.24
CA CYS B 84 -25.61 53.74 31.16
C CYS B 84 -27.09 53.78 31.54
N SER B 85 -27.88 52.94 30.89
CA SER B 85 -29.31 52.84 31.17
C SER B 85 -29.61 51.63 32.04
N GLU B 86 -28.95 50.50 31.72
CA GLU B 86 -29.08 49.30 32.53
C GLU B 86 -28.56 49.57 33.94
N LEU B 87 -27.58 50.46 34.03
CA LEU B 87 -27.08 50.93 35.31
C LEU B 87 -27.47 52.40 35.42
N HIS B 88 -26.95 53.07 36.43
CA HIS B 88 -27.21 54.50 36.60
C HIS B 88 -25.92 55.28 36.76
N VAL B 89 -25.07 55.20 35.73
CA VAL B 89 -23.78 55.87 35.76
C VAL B 89 -23.69 56.90 34.63
N GLU B 90 -23.09 58.05 34.93
CA GLU B 90 -22.89 59.08 33.93
C GLU B 90 -21.82 58.66 32.93
N PRO B 91 -22.08 58.87 31.63
CA PRO B 91 -21.10 58.56 30.58
C PRO B 91 -19.92 59.52 30.65
N PHE B 92 -18.70 58.96 30.67
CA PHE B 92 -17.50 59.80 30.74
C PHE B 92 -17.21 60.49 29.42
N GLN B 93 -16.78 61.74 29.50
CA GLN B 93 -16.42 62.52 28.31
C GLN B 93 -15.69 63.82 28.68
N GLU B 94 -15.69 64.75 27.73
CA GLU B 94 -15.20 66.12 27.94
C GLU B 94 -13.70 66.24 28.20
N GLU B 95 -12.92 65.36 27.58
CA GLU B 95 -11.46 65.42 27.69
C GLU B 95 -10.89 66.58 26.88
N GLY B 96 -11.49 66.84 25.72
CA GLY B 96 -11.03 67.90 24.85
C GLY B 96 -10.25 67.39 23.66
N GLU B 97 -9.66 66.20 23.82
CA GLU B 97 -8.89 65.58 22.74
C GLU B 97 -9.67 64.42 22.12
N THR B 98 -10.09 64.60 20.88
CA THR B 98 -10.90 63.59 20.20
C THR B 98 -10.05 62.72 19.26
N THR B 99 -8.80 62.50 19.63
CA THR B 99 -7.94 61.57 18.91
C THR B 99 -8.62 60.21 18.86
N ILE B 100 -9.07 59.83 17.67
CA ILE B 100 -9.96 58.69 17.48
C ILE B 100 -9.40 57.39 18.06
N LEU B 101 -8.09 57.23 18.04
CA LEU B 101 -7.46 56.08 18.67
C LEU B 101 -7.72 56.11 20.18
N GLN B 102 -7.44 57.26 20.79
CA GLN B 102 -7.64 57.44 22.22
C GLN B 102 -9.12 57.45 22.60
N LEU B 103 -9.95 58.09 21.78
CA LEU B 103 -11.38 58.12 22.06
C LEU B 103 -11.98 56.73 22.02
N GLU B 104 -11.64 55.98 20.98
CA GLU B 104 -12.08 54.59 20.85
C GLU B 104 -11.60 53.77 22.03
N LYS B 105 -10.34 53.98 22.42
CA LYS B 105 -9.78 53.32 23.60
C LYS B 105 -10.62 53.59 24.85
N ASP B 106 -10.98 54.86 25.04
CA ASP B 106 -11.80 55.29 26.16
C ASP B 106 -13.15 54.59 26.16
N LEU B 107 -13.86 54.68 25.04
CA LEU B 107 -15.16 54.05 24.89
C LEU B 107 -15.10 52.56 25.21
N ARG B 108 -14.18 51.87 24.54
CA ARG B 108 -14.01 50.43 24.71
C ARG B 108 -13.76 50.07 26.17
N THR B 109 -12.87 50.82 26.82
CA THR B 109 -12.50 50.55 28.20
C THR B 109 -13.68 50.76 29.15
N GLN B 110 -14.36 51.88 29.02
CA GLN B 110 -15.51 52.19 29.86
C GLN B 110 -16.60 51.14 29.69
N VAL B 111 -16.84 50.74 28.44
CA VAL B 111 -17.77 49.67 28.14
C VAL B 111 -17.37 48.39 28.86
N GLU B 112 -16.09 48.04 28.79
CA GLU B 112 -15.57 46.88 29.52
C GLU B 112 -15.91 46.95 31.00
N LEU B 113 -15.70 48.13 31.59
CA LEU B 113 -16.01 48.34 33.00
C LEU B 113 -17.50 48.12 33.29
N MET B 114 -18.35 48.69 32.44
CA MET B 114 -19.79 48.53 32.57
C MET B 114 -20.18 47.05 32.54
N ARG B 115 -19.59 46.31 31.61
CA ARG B 115 -19.83 44.87 31.52
C ARG B 115 -19.42 44.18 32.82
N LYS B 116 -18.24 44.56 33.33
CA LYS B 116 -17.70 43.95 34.54
C LYS B 116 -18.63 44.14 35.74
N GLN B 117 -19.02 45.39 36.00
CA GLN B 117 -19.89 45.67 37.14
C GLN B 117 -21.30 45.11 36.93
N LYS B 118 -21.72 45.02 35.68
CA LYS B 118 -23.01 44.40 35.37
C LYS B 118 -22.99 42.94 35.79
N LYS B 119 -21.93 42.24 35.36
CA LYS B 119 -21.77 40.82 35.70
C LYS B 119 -21.64 40.63 37.21
N GLU B 120 -20.91 41.52 37.85
CA GLU B 120 -20.72 41.47 39.30
C GLU B 120 -22.04 41.62 40.05
N ARG B 121 -22.83 42.61 39.65
CA ARG B 121 -24.11 42.87 40.31
C ARG B 121 -25.14 41.77 40.03
N LYS B 122 -25.11 41.22 38.82
CA LYS B 122 -25.99 40.11 38.47
C LYS B 122 -25.65 38.88 39.31
N GLN B 123 -24.36 38.59 39.41
CA GLN B 123 -23.88 37.48 40.21
C GLN B 123 -24.28 37.65 41.67
N GLU B 124 -24.09 38.87 42.19
CA GLU B 124 -24.46 39.18 43.56
C GLU B 124 -25.96 38.97 43.77
N LEU B 125 -26.74 39.36 42.77
CA LEU B 125 -28.18 39.15 42.79
C LEU B 125 -28.50 37.67 42.93
N LYS B 126 -27.84 36.85 42.12
CA LYS B 126 -28.03 35.40 42.18
C LYS B 126 -27.68 34.84 43.56
N LEU B 127 -26.56 35.30 44.12
CA LEU B 127 -26.11 34.83 45.43
C LEU B 127 -27.10 35.18 46.54
N LEU B 128 -27.53 36.44 46.56
CA LEU B 128 -28.51 36.90 47.53
C LEU B 128 -29.82 36.13 47.38
N GLN B 129 -30.18 35.81 46.13
CA GLN B 129 -31.35 34.99 45.86
C GLN B 129 -31.19 33.60 46.45
N GLU B 130 -29.97 33.08 46.41
CA GLU B 130 -29.68 31.76 46.96
C GLU B 130 -29.81 31.74 48.48
N GLN B 131 -29.19 32.74 49.13
CA GLN B 131 -29.28 32.86 50.58
C GLN B 131 -30.74 33.02 51.01
N ASP B 132 -31.47 33.87 50.30
CA ASP B 132 -32.88 34.09 50.56
C ASP B 132 -33.67 32.79 50.38
N GLN B 133 -33.25 31.98 49.41
CA GLN B 133 -33.90 30.69 49.17
C GLN B 133 -33.70 29.76 50.35
N GLU B 134 -32.47 29.69 50.85
CA GLU B 134 -32.14 28.84 51.99
C GLU B 134 -32.91 29.27 53.23
N LEU B 135 -32.91 30.57 53.51
CA LEU B 135 -33.58 31.10 54.69
C LEU B 135 -35.10 30.95 54.62
N CYS B 136 -35.67 31.16 53.44
CA CYS B 136 -37.11 30.94 53.24
C CYS B 136 -37.44 29.46 53.35
N GLU B 137 -36.45 28.62 53.05
CA GLU B 137 -36.63 27.17 53.14
C GLU B 137 -36.67 26.70 54.58
N ILE B 138 -35.74 27.19 55.39
CA ILE B 138 -35.67 26.76 56.79
C ILE B 138 -36.74 27.40 57.68
N LEU B 139 -36.97 28.69 57.50
CA LEU B 139 -37.96 29.41 58.31
C LEU B 139 -39.39 29.16 57.81
N CYS B 140 -39.50 28.48 56.66
CA CYS B 140 -40.79 28.17 56.05
C CYS B 140 -41.62 29.43 55.79
N MET B 141 -40.94 30.52 55.48
CA MET B 141 -41.61 31.78 55.18
C MET B 141 -41.07 32.37 53.87
N PRO B 142 -41.62 31.90 52.73
CA PRO B 142 -41.20 32.38 51.40
C PRO B 142 -41.49 33.87 51.21
N SER B 148 -38.11 36.44 35.09
CA SER B 148 -37.28 37.61 34.83
C SER B 148 -35.98 37.56 35.63
N ALA B 149 -35.89 38.40 36.66
CA ALA B 149 -34.72 38.47 37.53
C ALA B 149 -33.43 38.73 36.75
N SER B 150 -33.26 39.95 36.26
CA SER B 150 -32.08 40.32 35.50
C SER B 150 -31.86 41.84 35.49
N VAL B 151 -30.60 42.24 35.60
CA VAL B 151 -30.21 43.65 35.57
C VAL B 151 -30.91 44.51 36.62
N PRO B 152 -30.44 44.44 37.88
CA PRO B 152 -31.02 45.23 38.98
C PRO B 152 -30.34 46.59 39.10
N SER B 153 -30.55 47.25 40.24
CA SER B 153 -29.89 48.51 40.52
C SER B 153 -28.99 48.36 41.73
N LEU B 154 -28.94 49.39 42.57
CA LEU B 154 -28.13 49.35 43.78
C LEU B 154 -29.01 49.42 45.02
N GLU B 155 -30.08 50.22 44.95
CA GLU B 155 -31.02 50.35 46.06
C GLU B 155 -31.75 49.03 46.30
N GLU B 156 -32.13 48.37 45.21
CA GLU B 156 -32.76 47.06 45.26
C GLU B 156 -31.86 46.08 46.01
N LEU B 157 -30.58 46.13 45.66
CA LEU B 157 -29.57 45.31 46.32
C LEU B 157 -29.56 45.55 47.83
N ASN B 158 -29.44 46.82 48.22
CA ASN B 158 -29.41 47.18 49.63
C ASN B 158 -30.64 46.73 50.40
N GLN B 159 -31.81 46.96 49.83
CA GLN B 159 -33.07 46.53 50.45
C GLN B 159 -33.10 45.02 50.62
N PHE B 160 -32.66 44.29 49.60
CA PHE B 160 -32.62 42.84 49.65
C PHE B 160 -31.67 42.35 50.73
N ARG B 161 -30.52 43.00 50.84
CA ARG B 161 -29.53 42.71 51.88
C ARG B 161 -30.15 42.90 53.25
N GLN B 162 -30.88 44.00 53.42
CA GLN B 162 -31.55 44.29 54.68
C GLN B 162 -32.54 43.17 55.03
N HIS B 163 -33.32 42.77 54.03
CA HIS B 163 -34.27 41.67 54.18
C HIS B 163 -33.57 40.41 54.68
N VAL B 164 -32.50 40.04 53.99
CA VAL B 164 -31.71 38.87 54.35
C VAL B 164 -31.19 38.94 55.79
N THR B 165 -30.64 40.10 56.15
CA THR B 165 -30.13 40.30 57.51
C THR B 165 -31.23 40.12 58.56
N THR B 166 -32.41 40.69 58.30
CA THR B 166 -33.55 40.52 59.19
C THR B 166 -33.89 39.04 59.35
N LEU B 167 -33.94 38.34 58.23
CA LEU B 167 -34.21 36.90 58.25
C LEU B 167 -33.19 36.13 59.10
N ARG B 168 -31.92 36.52 58.97
CA ARG B 168 -30.86 35.89 59.74
C ARG B 168 -31.02 36.13 61.23
N GLU B 169 -31.34 37.37 61.59
CA GLU B 169 -31.53 37.74 62.99
C GLU B 169 -32.69 36.96 63.61
N THR B 170 -33.82 36.93 62.91
CA THR B 170 -34.98 36.18 63.38
C THR B 170 -34.65 34.69 63.49
N LYS B 171 -33.85 34.19 62.55
CA LYS B 171 -33.40 32.80 62.57
C LYS B 171 -32.59 32.51 63.84
N ALA B 172 -31.68 33.42 64.17
CA ALA B 172 -30.88 33.29 65.38
C ALA B 172 -31.77 33.28 66.63
N SER B 173 -32.76 34.18 66.64
CA SER B 173 -33.74 34.23 67.73
C SER B 173 -34.44 32.89 67.92
N ARG B 174 -35.02 32.38 66.84
CA ARG B 174 -35.74 31.11 66.88
C ARG B 174 -34.83 29.96 67.31
N ARG B 175 -33.57 30.01 66.89
CA ARG B 175 -32.62 28.96 67.25
C ARG B 175 -32.30 28.99 68.74
N GLU B 176 -32.14 30.19 69.29
CA GLU B 176 -31.90 30.35 70.73
C GLU B 176 -33.08 29.85 71.54
N GLU B 177 -34.27 30.29 71.15
CA GLU B 177 -35.51 29.88 71.81
C GLU B 177 -35.65 28.36 71.78
N PHE B 178 -35.44 27.78 70.60
CA PHE B 178 -35.51 26.33 70.42
C PHE B 178 -34.51 25.62 71.31
N VAL B 179 -33.32 26.19 71.44
CA VAL B 179 -32.27 25.62 72.28
C VAL B 179 -32.72 25.57 73.74
N SER B 180 -33.19 26.71 74.25
CA SER B 180 -33.66 26.78 75.64
C SER B 180 -34.80 25.80 75.91
N ILE B 181 -35.84 25.85 75.08
CA ILE B 181 -37.00 24.99 75.25
C ILE B 181 -36.62 23.51 75.14
N LYS B 182 -35.66 23.20 74.27
CA LYS B 182 -35.17 21.84 74.15
C LYS B 182 -34.48 21.40 75.43
N ARG B 183 -33.67 22.29 76.00
CA ARG B 183 -33.00 22.03 77.27
C ARG B 183 -34.01 21.69 78.37
N GLN B 184 -34.98 22.58 78.56
CA GLN B 184 -36.02 22.36 79.55
C GLN B 184 -36.79 21.07 79.31
N ILE B 185 -37.08 20.78 78.05
CA ILE B 185 -37.80 19.56 77.68
C ILE B 185 -37.02 18.31 78.05
N ILE B 186 -35.71 18.32 77.78
CA ILE B 186 -34.84 17.23 78.19
C ILE B 186 -34.91 17.04 79.70
N LEU B 187 -34.81 18.16 80.42
CA LEU B 187 -34.93 18.13 81.88
C LEU B 187 -36.23 17.46 82.34
N CYS B 188 -37.34 17.85 81.73
CA CYS B 188 -38.65 17.28 82.05
C CYS B 188 -38.71 15.78 81.79
N MET B 189 -38.41 15.39 80.55
CA MET B 189 -38.48 13.99 80.15
C MET B 189 -37.57 13.10 80.99
N GLU B 190 -36.46 13.66 81.47
CA GLU B 190 -35.61 12.94 82.41
C GLU B 190 -36.31 12.80 83.76
N GLU B 191 -36.82 13.93 84.27
CA GLU B 191 -37.52 13.97 85.55
C GLU B 191 -38.68 12.97 85.61
N LEU B 192 -39.37 12.81 84.49
CA LEU B 192 -40.54 11.94 84.42
C LEU B 192 -40.17 10.52 84.04
N ASP B 193 -38.87 10.25 83.97
CA ASP B 193 -38.35 8.96 83.55
C ASP B 193 -38.93 8.55 82.20
N HIS B 194 -38.69 9.36 81.18
CA HIS B 194 -39.28 9.11 79.87
C HIS B 194 -38.29 9.29 78.73
N THR B 195 -38.20 8.27 77.88
CA THR B 195 -37.39 8.34 76.67
C THR B 195 -38.28 8.72 75.49
N PRO B 196 -37.74 9.49 74.53
CA PRO B 196 -38.49 9.96 73.36
C PRO B 196 -39.15 8.81 72.61
N ASP B 197 -40.45 8.95 72.34
CA ASP B 197 -41.21 7.93 71.64
C ASP B 197 -41.78 8.47 70.33
N THR B 198 -42.45 9.60 70.42
CA THR B 198 -43.04 10.24 69.25
C THR B 198 -41.96 10.82 68.35
N SER B 199 -42.18 10.72 67.04
CA SER B 199 -41.21 11.15 66.04
C SER B 199 -40.74 12.60 66.23
N PHE B 200 -41.68 13.50 66.44
CA PHE B 200 -41.35 14.90 66.66
C PHE B 200 -40.52 15.09 67.94
N GLU B 201 -40.89 14.35 68.98
CA GLU B 201 -40.14 14.37 70.23
C GLU B 201 -38.73 13.83 69.99
N ARG B 202 -38.62 12.85 69.11
CA ARG B 202 -37.33 12.27 68.78
C ARG B 202 -36.42 13.25 68.06
N ASP B 203 -36.92 13.88 67.00
CA ASP B 203 -36.09 14.82 66.24
C ASP B 203 -35.81 16.10 67.03
N VAL B 204 -36.68 16.42 67.98
CA VAL B 204 -36.45 17.59 68.85
C VAL B 204 -35.38 17.29 69.88
N VAL B 205 -35.53 16.17 70.59
CA VAL B 205 -34.61 15.83 71.67
C VAL B 205 -33.37 15.08 71.18
N CYS B 206 -33.59 13.90 70.62
CA CYS B 206 -32.49 13.03 70.20
C CYS B 206 -31.67 13.64 69.06
N GLU B 207 -32.34 14.02 67.98
CA GLU B 207 -31.65 14.57 66.82
C GLU B 207 -31.08 15.97 67.10
N ASP B 208 -31.98 16.94 67.25
CA ASP B 208 -31.59 18.34 67.46
C ASP B 208 -30.66 18.83 66.35
N GLU B 209 -29.46 19.24 66.74
CA GLU B 209 -28.40 19.62 65.80
C GLU B 209 -28.78 20.76 64.85
N ASP B 210 -29.82 21.51 65.21
CA ASP B 210 -30.27 22.67 64.44
C ASP B 210 -30.77 22.32 63.03
N ALA B 211 -30.78 21.03 62.70
CA ALA B 211 -31.36 20.58 61.43
C ALA B 211 -32.87 20.62 61.56
N PHE B 212 -33.32 20.69 62.80
CA PHE B 212 -34.74 20.81 63.12
C PHE B 212 -35.30 22.12 62.56
N CYS B 213 -36.39 22.00 61.82
CA CYS B 213 -37.01 23.17 61.18
C CYS B 213 -37.48 24.20 62.21
N LEU B 214 -37.35 25.47 61.84
CA LEU B 214 -37.69 26.55 62.76
C LEU B 214 -38.90 27.34 62.29
N SER B 215 -39.86 26.65 61.68
CA SER B 215 -41.10 27.27 61.25
C SER B 215 -41.94 27.65 62.46
N LEU B 216 -43.00 28.41 62.22
CA LEU B 216 -43.94 28.77 63.29
C LEU B 216 -44.67 27.50 63.74
N GLU B 217 -44.90 26.60 62.78
CA GLU B 217 -45.51 25.31 63.05
C GLU B 217 -44.71 24.52 64.07
N ASN B 218 -43.43 24.33 63.78
CA ASN B 218 -42.53 23.56 64.65
C ASN B 218 -42.37 24.20 66.02
N ILE B 219 -42.37 25.53 66.07
CA ILE B 219 -42.26 26.24 67.33
C ILE B 219 -43.51 26.02 68.18
N ALA B 220 -44.68 26.18 67.57
CA ALA B 220 -45.95 25.98 68.27
C ALA B 220 -46.08 24.55 68.77
N THR B 221 -45.70 23.59 67.92
CA THR B 221 -45.73 22.18 68.29
C THR B 221 -44.81 21.92 69.47
N LEU B 222 -43.62 22.53 69.42
CA LEU B 222 -42.63 22.41 70.48
C LEU B 222 -43.19 22.89 71.81
N GLN B 223 -43.69 24.13 71.82
CA GLN B 223 -44.27 24.71 73.02
C GLN B 223 -45.43 23.88 73.55
N LYS B 224 -46.20 23.30 72.63
CA LYS B 224 -47.31 22.44 73.00
C LYS B 224 -46.81 21.21 73.76
N LEU B 225 -45.77 20.58 73.22
CA LEU B 225 -45.14 19.43 73.86
C LEU B 225 -44.63 19.78 75.25
N LEU B 226 -44.01 20.96 75.36
CA LEU B 226 -43.55 21.44 76.65
C LEU B 226 -44.71 21.60 77.64
N ARG B 227 -45.82 22.13 77.14
CA ARG B 227 -47.02 22.31 77.94
C ARG B 227 -47.52 20.97 78.49
N GLN B 228 -47.57 19.97 77.60
CA GLN B 228 -47.96 18.62 78.00
C GLN B 228 -47.03 18.08 79.10
N LEU B 229 -45.73 18.21 78.89
CA LEU B 229 -44.74 17.73 79.84
C LEU B 229 -44.88 18.37 81.22
N GLU B 230 -44.93 19.70 81.25
CA GLU B 230 -45.09 20.43 82.51
C GLU B 230 -46.41 20.08 83.18
N MET B 231 -47.43 19.83 82.38
CA MET B 231 -48.71 19.38 82.89
C MET B 231 -48.53 18.05 83.63
N GLN B 232 -47.79 17.14 83.01
CA GLN B 232 -47.50 15.83 83.62
C GLN B 232 -46.76 15.96 84.94
N LYS B 233 -45.72 16.80 84.95
CA LYS B 233 -44.92 17.03 86.14
C LYS B 233 -45.78 17.58 87.29
N SER B 234 -46.66 18.52 86.93
CA SER B 234 -47.59 19.14 87.88
C SER B 234 -48.58 18.12 88.44
N GLN B 235 -49.06 17.25 87.55
CA GLN B 235 -49.92 16.15 87.95
C GLN B 235 -49.23 15.34 89.03
N ASN B 236 -48.06 14.82 88.71
CA ASN B 236 -47.28 13.99 89.64
C ASN B 236 -47.00 14.65 90.99
N GLU B 237 -46.62 15.92 90.96
CA GLU B 237 -46.42 16.64 92.22
C GLU B 237 -47.73 16.79 93.03
N ALA B 238 -48.85 16.95 92.32
CA ALA B 238 -50.17 17.10 92.97
C ALA B 238 -50.68 15.81 93.63
N VAL B 239 -50.62 14.72 92.86
CA VAL B 239 -50.96 13.41 93.37
C VAL B 239 -50.10 13.07 94.57
N CYS B 240 -48.78 13.19 94.39
CA CYS B 240 -47.82 12.85 95.43
C CYS B 240 -47.97 13.69 96.69
N GLU B 241 -48.07 15.00 96.54
CA GLU B 241 -48.27 15.85 97.70
C GLU B 241 -49.58 15.51 98.42
N GLY B 242 -50.61 15.17 97.65
CA GLY B 242 -51.89 14.72 98.21
C GLY B 242 -51.72 13.49 99.09
N LEU B 243 -50.98 12.52 98.56
CA LEU B 243 -50.56 11.34 99.32
C LEU B 243 -49.80 11.72 100.60
N ARG B 244 -48.97 12.76 100.50
CA ARG B 244 -48.23 13.23 101.67
C ARG B 244 -49.17 13.74 102.75
N THR B 245 -50.14 14.57 102.38
CA THR B 245 -51.12 15.06 103.34
C THR B 245 -51.93 13.92 103.96
N GLN B 246 -52.21 12.90 103.15
CA GLN B 246 -52.81 11.68 103.70
C GLN B 246 -51.91 11.04 104.76
N ILE B 247 -50.60 11.01 104.48
CA ILE B 247 -49.63 10.47 105.42
C ILE B 247 -49.59 11.27 106.72
N ARG B 248 -49.68 12.60 106.60
CA ARG B 248 -49.77 13.47 107.76
C ARG B 248 -50.98 13.10 108.59
N GLU B 249 -52.12 12.93 107.90
CA GLU B 249 -53.35 12.48 108.55
C GLU B 249 -53.12 11.17 109.31
N LEU B 250 -52.28 10.31 108.74
CA LEU B 250 -51.91 9.07 109.42
C LEU B 250 -50.93 9.29 110.57
N TRP B 251 -50.26 10.44 110.56
CA TRP B 251 -49.28 10.75 111.59
C TRP B 251 -49.91 11.41 112.81
N ASP B 252 -51.08 12.01 112.60
CA ASP B 252 -51.81 12.63 113.70
C ASP B 252 -52.77 11.64 114.37
N ARG B 253 -53.12 10.58 113.64
CA ARG B 253 -54.05 9.58 114.15
C ARG B 253 -53.32 8.35 114.68
N LEU B 254 -52.10 8.56 115.14
CA LEU B 254 -51.28 7.45 115.63
C LEU B 254 -50.20 7.97 116.57
N GLN B 255 -49.48 7.05 117.20
CA GLN B 255 -48.39 7.39 118.11
C GLN B 255 -47.32 8.18 117.37
N ILE B 256 -46.64 7.51 116.44
CA ILE B 256 -45.66 8.13 115.55
C ILE B 256 -44.57 8.93 116.28
N PRO B 257 -43.52 8.24 116.73
CA PRO B 257 -42.35 8.94 117.29
C PRO B 257 -41.62 9.69 116.20
N GLU B 258 -40.75 10.63 116.60
CA GLU B 258 -40.06 11.50 115.64
C GLU B 258 -39.20 10.73 114.64
N GLU B 259 -38.41 9.79 115.16
CA GLU B 259 -37.42 9.05 114.36
C GLU B 259 -38.00 8.41 113.09
N GLU B 260 -39.24 7.94 113.18
CA GLU B 260 -39.89 7.30 112.04
C GLU B 260 -40.31 8.34 111.01
N ARG B 261 -40.75 9.51 111.48
CA ARG B 261 -41.05 10.64 110.61
C ARG B 261 -39.78 11.04 109.86
N GLU B 262 -38.66 11.09 110.59
CA GLU B 262 -37.38 11.42 109.99
C GLU B 262 -36.96 10.36 108.97
N ALA B 263 -37.30 9.11 109.25
CA ALA B 263 -36.98 8.01 108.36
C ALA B 263 -37.79 8.12 107.07
N VAL B 264 -39.02 8.60 107.20
CA VAL B 264 -39.89 8.74 106.03
C VAL B 264 -39.59 10.02 105.25
N ALA B 265 -38.94 10.97 105.91
CA ALA B 265 -38.76 12.33 105.37
C ALA B 265 -38.20 12.45 103.95
N THR B 266 -37.69 11.36 103.40
CA THR B 266 -37.19 11.38 102.02
C THR B 266 -38.31 11.11 101.02
N ILE B 267 -39.43 10.59 101.53
CA ILE B 267 -40.60 10.30 100.69
C ILE B 267 -41.41 11.56 100.40
N MET B 268 -41.17 12.62 101.17
CA MET B 268 -41.85 13.89 100.91
C MET B 268 -41.12 14.70 99.86
N SER B 269 -40.53 14.01 98.89
CA SER B 269 -39.57 14.63 97.99
C SER B 269 -40.23 15.33 96.81
N GLY B 270 -40.33 14.63 95.68
CA GLY B 270 -40.78 15.25 94.45
C GLY B 270 -41.98 14.61 93.78
N SER B 271 -41.78 14.16 92.55
CA SER B 271 -42.86 13.68 91.71
C SER B 271 -42.50 12.37 91.01
N LYS B 272 -41.25 11.96 91.17
CA LYS B 272 -40.72 10.76 90.50
C LYS B 272 -41.46 9.50 90.93
N ALA B 273 -41.72 8.63 89.95
CA ALA B 273 -42.56 7.44 90.15
C ALA B 273 -42.20 6.59 91.35
N LYS B 274 -40.92 6.57 91.71
CA LYS B 274 -40.44 5.76 92.83
C LYS B 274 -40.87 6.34 94.16
N VAL B 275 -40.88 7.67 94.24
CA VAL B 275 -41.33 8.38 95.43
C VAL B 275 -42.83 8.25 95.54
N ARG B 276 -43.50 8.19 94.39
CA ARG B 276 -44.94 7.97 94.35
C ARG B 276 -45.27 6.59 94.90
N LYS B 277 -44.68 5.56 94.31
CA LYS B 277 -44.85 4.19 94.77
C LYS B 277 -44.51 4.06 96.26
N ALA B 278 -43.50 4.80 96.69
CA ALA B 278 -43.12 4.83 98.10
C ALA B 278 -44.27 5.37 98.94
N LEU B 279 -44.86 6.47 98.47
CA LEU B 279 -46.00 7.10 99.14
C LEU B 279 -47.17 6.13 99.27
N GLN B 280 -47.52 5.49 98.16
CA GLN B 280 -48.57 4.47 98.17
C GLN B 280 -48.27 3.41 99.22
N LEU B 281 -47.09 2.80 99.11
CA LEU B 281 -46.65 1.78 100.07
C LEU B 281 -46.84 2.21 101.52
N GLU B 282 -46.43 3.45 101.82
CA GLU B 282 -46.46 3.94 103.19
C GLU B 282 -47.89 4.20 103.67
N VAL B 283 -48.74 4.73 102.78
CA VAL B 283 -50.14 4.96 103.11
C VAL B 283 -50.85 3.64 103.40
N ASP B 284 -50.69 2.68 102.48
CA ASP B 284 -51.24 1.35 102.65
C ASP B 284 -50.80 0.73 103.97
N ARG B 285 -49.49 0.72 104.21
CA ARG B 285 -48.92 0.08 105.38
C ARG B 285 -49.38 0.72 106.70
N LEU B 286 -49.39 2.05 106.73
CA LEU B 286 -49.81 2.77 107.92
C LEU B 286 -51.30 2.56 108.22
N GLU B 287 -52.12 2.67 107.16
CA GLU B 287 -53.57 2.46 107.30
C GLU B 287 -53.86 1.06 107.82
N GLU B 288 -53.22 0.08 107.22
CA GLU B 288 -53.34 -1.31 107.65
C GLU B 288 -52.87 -1.49 109.09
N LEU B 289 -51.82 -0.76 109.45
CA LEU B 289 -51.27 -0.82 110.80
C LEU B 289 -52.31 -0.37 111.82
N LYS B 290 -52.82 0.84 111.63
CA LYS B 290 -53.86 1.38 112.50
C LYS B 290 -55.06 0.43 112.57
N MET B 291 -55.51 -0.04 111.41
CA MET B 291 -56.58 -1.04 111.33
C MET B 291 -56.33 -2.23 112.25
N GLN B 292 -55.12 -2.78 112.18
CA GLN B 292 -54.75 -3.91 113.00
C GLN B 292 -54.80 -3.52 114.47
N ASN B 293 -54.50 -2.26 114.75
CA ASN B 293 -54.64 -1.76 116.11
C ASN B 293 -56.09 -1.76 116.55
N MET B 294 -56.99 -1.47 115.60
CA MET B 294 -58.42 -1.52 115.89
C MET B 294 -58.86 -2.93 116.23
N LYS B 295 -58.53 -3.88 115.35
CA LYS B 295 -58.85 -5.29 115.62
C LYS B 295 -58.31 -5.70 116.99
N LYS B 296 -57.05 -5.38 117.24
CA LYS B 296 -56.40 -5.70 118.51
C LYS B 296 -57.16 -5.18 119.72
N VAL B 297 -57.31 -3.86 119.79
CA VAL B 297 -57.94 -3.23 120.96
C VAL B 297 -59.40 -3.67 121.13
N ILE B 298 -60.12 -3.82 120.02
CA ILE B 298 -61.50 -4.31 120.06
C ILE B 298 -61.54 -5.70 120.68
N GLU B 299 -60.65 -6.57 120.22
CA GLU B 299 -60.53 -7.92 120.79
C GLU B 299 -60.25 -7.88 122.29
N ALA B 300 -59.37 -6.97 122.71
CA ALA B 300 -59.07 -6.81 124.13
C ALA B 300 -60.31 -6.41 124.91
N ILE B 301 -61.09 -5.49 124.34
CA ILE B 301 -62.37 -5.08 124.92
C ILE B 301 -63.30 -6.28 125.05
N ARG B 302 -63.24 -7.17 124.07
CA ARG B 302 -64.03 -8.39 124.11
C ARG B 302 -63.54 -9.33 125.21
N VAL B 303 -62.25 -9.30 125.49
CA VAL B 303 -61.70 -10.10 126.58
C VAL B 303 -62.22 -9.58 127.91
N GLU B 304 -62.26 -8.26 128.06
CA GLU B 304 -62.82 -7.65 129.26
C GLU B 304 -64.31 -7.97 129.36
N LEU B 305 -64.98 -8.03 128.20
CA LEU B 305 -66.37 -8.41 128.13
C LEU B 305 -66.57 -9.81 128.68
N VAL B 306 -65.79 -10.77 128.18
CA VAL B 306 -65.86 -12.15 128.66
C VAL B 306 -65.58 -12.21 130.16
N GLN B 307 -64.65 -11.39 130.63
CA GLN B 307 -64.39 -11.28 132.06
C GLN B 307 -65.65 -10.88 132.83
N TYR B 308 -66.36 -9.89 132.33
CA TYR B 308 -67.54 -9.38 133.04
C TYR B 308 -68.84 -10.14 132.76
N TRP B 309 -68.82 -11.06 131.80
CA TRP B 309 -70.01 -11.82 131.44
C TRP B 309 -70.32 -12.83 132.54
N ASP B 310 -69.27 -13.49 133.03
CA ASP B 310 -69.39 -14.50 134.06
C ASP B 310 -69.82 -13.87 135.38
N GLN B 311 -69.33 -12.66 135.64
CA GLN B 311 -69.66 -11.95 136.87
C GLN B 311 -71.13 -11.52 136.88
N CYS B 312 -71.69 -11.36 135.68
CA CYS B 312 -73.11 -11.03 135.54
C CYS B 312 -73.90 -12.22 135.00
N GLN B 316 -76.58 -16.69 128.66
CA GLN B 316 -75.80 -17.02 127.48
C GLN B 316 -76.42 -16.42 126.22
N GLU B 317 -77.74 -16.50 126.12
CA GLU B 317 -78.47 -15.95 124.99
C GLU B 317 -78.36 -14.43 124.96
N GLN B 318 -78.56 -13.82 126.13
CA GLN B 318 -78.46 -12.37 126.27
C GLN B 318 -77.07 -11.88 125.90
N ARG B 319 -76.05 -12.67 126.23
CA ARG B 319 -74.68 -12.35 125.89
C ARG B 319 -74.45 -12.45 124.39
N GLN B 320 -75.20 -13.34 123.74
CA GLN B 320 -75.07 -13.55 122.31
C GLN B 320 -75.81 -12.47 121.51
N ALA B 321 -76.84 -11.88 122.13
CA ALA B 321 -77.68 -10.89 121.46
C ALA B 321 -76.92 -9.68 120.91
N PHE B 322 -76.03 -9.12 121.73
CA PHE B 322 -75.26 -7.92 121.35
C PHE B 322 -74.31 -8.19 120.18
N ALA B 323 -73.29 -9.01 120.46
CA ALA B 323 -72.24 -9.44 119.52
C ALA B 323 -72.33 -9.00 118.06
N PRO B 324 -71.79 -7.81 117.73
CA PRO B 324 -71.70 -7.37 116.34
C PRO B 324 -70.26 -7.39 115.83
N PHE B 325 -69.33 -7.84 116.66
CA PHE B 325 -67.90 -7.83 116.33
C PHE B 325 -67.56 -8.83 115.25
N CYS B 326 -68.38 -9.87 115.13
CA CYS B 326 -68.22 -10.86 114.09
C CYS B 326 -68.06 -10.20 112.71
N ALA B 327 -67.28 -10.84 111.85
CA ALA B 327 -66.78 -10.31 110.56
C ALA B 327 -65.53 -9.40 110.69
N GLU B 328 -64.88 -9.15 109.55
CA GLU B 328 -63.53 -8.56 109.50
C GLU B 328 -63.49 -7.04 109.62
N ASP B 329 -64.67 -6.41 109.65
CA ASP B 329 -64.76 -4.97 109.75
C ASP B 329 -64.37 -4.51 111.13
N TYR B 330 -63.10 -4.12 111.26
CA TYR B 330 -62.61 -3.57 112.50
C TYR B 330 -62.13 -2.13 112.31
N THR B 331 -62.84 -1.19 112.93
CA THR B 331 -62.51 0.23 112.81
C THR B 331 -62.80 0.99 114.10
N GLU B 332 -62.65 2.30 114.04
CA GLU B 332 -62.93 3.16 115.19
C GLU B 332 -64.42 3.15 115.49
N SER B 333 -65.21 2.82 114.46
CA SER B 333 -66.64 2.65 114.59
C SER B 333 -66.93 1.48 115.54
N LEU B 334 -66.56 0.28 115.12
CA LEU B 334 -66.74 -0.92 115.93
C LEU B 334 -66.03 -0.79 117.26
N LEU B 335 -64.90 -0.08 117.25
CA LEU B 335 -64.18 0.24 118.47
C LEU B 335 -65.09 0.95 119.46
N GLN B 336 -65.65 2.08 119.04
CA GLN B 336 -66.50 2.88 119.92
C GLN B 336 -67.77 2.12 120.33
N LEU B 337 -68.24 1.25 119.44
CA LEU B 337 -69.32 0.32 119.79
C LEU B 337 -68.95 -0.49 121.03
N HIS B 338 -67.84 -1.23 120.92
CA HIS B 338 -67.40 -2.10 122.02
C HIS B 338 -66.94 -1.35 123.26
N ASP B 339 -66.43 -0.14 123.07
CA ASP B 339 -65.98 0.70 124.18
C ASP B 339 -67.20 1.17 124.97
N ALA B 340 -68.19 1.70 124.25
CA ALA B 340 -69.44 2.10 124.89
C ALA B 340 -70.07 0.92 125.62
N GLU B 341 -70.08 -0.24 124.96
CA GLU B 341 -70.67 -1.43 125.56
C GLU B 341 -69.96 -1.87 126.84
N ILE B 342 -68.64 -1.97 126.79
CA ILE B 342 -67.89 -2.40 127.96
C ILE B 342 -68.00 -1.39 129.11
N VAL B 343 -68.06 -0.10 128.76
CA VAL B 343 -68.24 0.93 129.78
C VAL B 343 -69.58 0.75 130.46
N ARG B 344 -70.63 0.55 129.66
CA ARG B 344 -71.97 0.31 130.18
C ARG B 344 -72.00 -0.91 131.11
N LEU B 345 -71.38 -1.99 130.65
CA LEU B 345 -71.35 -3.25 131.41
C LEU B 345 -70.62 -3.11 132.74
N LYS B 346 -69.45 -2.47 132.70
CA LYS B 346 -68.67 -2.22 133.90
C LYS B 346 -69.46 -1.34 134.87
N ASN B 347 -70.20 -0.39 134.32
CA ASN B 347 -71.06 0.46 135.14
C ASN B 347 -72.23 -0.32 135.73
N TYR B 348 -72.61 -1.40 135.06
CA TYR B 348 -73.65 -2.28 135.57
C TYR B 348 -73.13 -3.09 136.75
N TYR B 349 -72.03 -3.78 136.56
CA TYR B 349 -71.45 -4.62 137.62
C TYR B 349 -70.97 -3.78 138.81
N GLU B 350 -70.53 -2.56 138.54
CA GLU B 350 -70.06 -1.67 139.59
C GLU B 350 -71.19 -1.36 140.59
N VAL B 351 -72.42 -1.39 140.11
CA VAL B 351 -73.57 -1.10 140.95
C VAL B 351 -74.17 -2.37 141.54
N HIS B 352 -73.92 -3.50 140.88
CA HIS B 352 -74.51 -4.77 141.30
C HIS B 352 -73.47 -5.74 141.86
N LYS B 353 -72.32 -5.20 142.26
CA LYS B 353 -71.23 -5.99 142.83
C LYS B 353 -71.65 -6.59 144.16
N GLU B 354 -72.26 -5.76 145.00
CA GLU B 354 -72.74 -6.18 146.31
C GLU B 354 -73.83 -7.25 146.22
N LEU B 355 -74.30 -7.50 145.01
CA LEU B 355 -75.32 -8.52 144.76
C LEU B 355 -74.72 -9.80 144.17
N PHE B 356 -73.71 -9.64 143.31
CA PHE B 356 -73.09 -10.77 142.63
C PHE B 356 -72.06 -11.47 143.50
N GLU B 357 -71.34 -10.69 144.30
CA GLU B 357 -70.37 -11.23 145.24
C GLU B 357 -71.04 -12.22 146.20
N GLY B 358 -72.28 -11.90 146.57
CA GLY B 358 -73.06 -12.77 147.42
C GLY B 358 -73.42 -14.07 146.72
N VAL B 359 -73.61 -13.99 145.40
CA VAL B 359 -73.92 -15.17 144.61
C VAL B 359 -72.72 -16.10 144.56
N GLN B 360 -71.55 -15.52 144.27
CA GLN B 360 -70.31 -16.30 144.24
C GLN B 360 -70.04 -16.93 145.60
N LYS B 361 -70.11 -16.10 146.65
CA LYS B 361 -69.88 -16.55 148.02
C LYS B 361 -70.84 -17.67 148.41
N TRP B 362 -72.10 -17.54 148.00
CA TRP B 362 -73.09 -18.57 148.30
C TRP B 362 -72.77 -19.87 147.58
N GLU B 363 -72.37 -19.76 146.31
CA GLU B 363 -72.03 -20.94 145.53
C GLU B 363 -70.86 -21.70 146.15
N GLU B 364 -69.81 -20.96 146.51
CA GLU B 364 -68.67 -21.56 147.19
C GLU B 364 -69.09 -22.21 148.50
N THR B 365 -69.89 -21.48 149.26
CA THR B 365 -70.38 -21.95 150.56
C THR B 365 -71.11 -23.29 150.42
N TRP B 366 -72.06 -23.34 149.51
CA TRP B 366 -72.80 -24.57 149.24
C TRP B 366 -71.85 -25.68 148.80
N ARG B 367 -70.85 -25.32 148.00
CA ARG B 367 -69.87 -26.29 147.50
C ARG B 367 -69.12 -26.98 148.64
N LEU B 368 -68.38 -26.20 149.43
CA LEU B 368 -67.60 -26.79 150.51
C LEU B 368 -68.45 -27.34 151.66
N PHE B 369 -69.66 -26.82 151.80
CA PHE B 369 -70.61 -27.38 152.76
C PHE B 369 -70.98 -28.80 152.35
N LEU B 370 -71.31 -28.95 151.07
CA LEU B 370 -71.62 -30.26 150.52
C LEU B 370 -70.41 -31.17 150.64
N GLU B 371 -69.21 -30.60 150.50
CA GLU B 371 -67.98 -31.37 150.65
C GLU B 371 -67.84 -31.94 152.06
N PHE B 372 -67.97 -31.06 153.06
CA PHE B 372 -67.90 -31.48 154.46
C PHE B 372 -69.01 -32.46 154.80
N GLU B 373 -70.13 -32.35 154.12
CA GLU B 373 -71.23 -33.29 154.29
C GLU B 373 -70.86 -34.64 153.71
N ARG B 374 -70.11 -34.62 152.61
CA ARG B 374 -69.68 -35.85 151.95
C ARG B 374 -68.65 -36.60 152.79
N LYS B 375 -67.67 -35.87 153.31
CA LYS B 375 -66.62 -36.50 154.11
C LYS B 375 -67.16 -37.03 155.44
N ALA B 376 -68.31 -36.49 155.87
CA ALA B 376 -68.91 -36.91 157.12
C ALA B 376 -69.88 -38.07 156.92
N SER B 377 -69.96 -38.57 155.69
CA SER B 377 -70.85 -39.67 155.38
C SER B 377 -70.07 -40.95 155.05
N ASP B 378 -68.86 -40.78 154.53
CA ASP B 378 -68.00 -41.92 154.22
C ASP B 378 -67.66 -42.71 155.48
N PRO B 379 -68.10 -43.96 155.54
CA PRO B 379 -67.90 -44.81 156.72
C PRO B 379 -66.42 -45.11 156.97
N ASN B 380 -65.61 -44.97 155.92
CA ASN B 380 -64.18 -45.20 156.03
C ASN B 380 -63.41 -43.92 156.32
N ARG B 381 -64.08 -42.96 156.94
CA ARG B 381 -63.45 -41.69 157.31
C ARG B 381 -62.49 -41.92 158.49
N PHE B 382 -62.79 -42.92 159.29
CA PHE B 382 -61.95 -43.29 160.42
C PHE B 382 -60.72 -44.03 159.92
N THR B 383 -60.75 -44.43 158.65
CA THR B 383 -59.65 -45.18 158.06
C THR B 383 -58.93 -44.36 156.98
N ASN B 384 -59.70 -43.64 156.18
CA ASN B 384 -59.12 -42.87 155.08
C ASN B 384 -59.63 -41.44 155.01
N ARG B 385 -58.98 -40.54 155.75
CA ARG B 385 -59.36 -39.13 155.76
C ARG B 385 -58.26 -38.24 156.34
N GLY B 386 -58.57 -36.95 156.46
CA GLY B 386 -57.65 -35.99 157.04
C GLY B 386 -57.97 -35.73 158.49
N GLY B 387 -56.94 -35.37 159.26
CA GLY B 387 -57.07 -35.21 160.70
C GLY B 387 -58.11 -34.22 161.18
N ASN B 388 -58.45 -34.33 162.47
CA ASN B 388 -59.40 -33.44 163.15
C ASN B 388 -60.83 -33.57 162.66
N LEU B 389 -61.56 -34.51 163.25
CA LEU B 389 -62.96 -34.75 162.90
C LEU B 389 -63.88 -33.67 163.45
N LEU B 390 -63.62 -33.24 164.69
CA LEU B 390 -64.43 -32.20 165.30
C LEU B 390 -64.24 -30.87 164.59
N LYS B 391 -63.06 -30.66 164.02
CA LYS B 391 -62.79 -29.46 163.24
C LYS B 391 -63.71 -29.41 162.03
N GLU B 392 -63.66 -30.47 161.23
CA GLU B 392 -64.47 -30.57 160.03
C GLU B 392 -65.96 -30.49 160.37
N GLU B 393 -66.37 -31.15 161.45
CA GLU B 393 -67.76 -31.16 161.87
C GLU B 393 -68.24 -29.76 162.25
N LYS B 394 -67.49 -29.11 163.13
CA LYS B 394 -67.84 -27.78 163.62
C LYS B 394 -67.84 -26.76 162.48
N GLN B 395 -66.86 -26.85 161.61
CA GLN B 395 -66.79 -25.97 160.44
C GLN B 395 -68.00 -26.18 159.55
N ARG B 396 -68.36 -27.44 159.34
CA ARG B 396 -69.55 -27.79 158.56
C ARG B 396 -70.80 -27.18 159.19
N ALA B 397 -70.85 -27.20 160.51
CA ALA B 397 -71.97 -26.60 161.23
C ALA B 397 -72.02 -25.09 161.02
N LYS B 398 -70.84 -24.47 161.01
CA LYS B 398 -70.74 -23.04 160.75
C LYS B 398 -71.22 -22.71 159.34
N LEU B 399 -70.93 -23.61 158.40
CA LEU B 399 -71.40 -23.45 157.03
C LEU B 399 -72.92 -23.57 156.98
N GLN B 400 -73.46 -24.52 157.74
CA GLN B 400 -74.91 -24.72 157.81
C GLN B 400 -75.57 -23.54 158.52
N LYS B 401 -74.78 -22.76 159.26
CA LYS B 401 -75.29 -21.57 159.93
C LYS B 401 -75.28 -20.37 158.99
N MET B 402 -74.22 -20.24 158.21
CA MET B 402 -74.07 -19.12 157.28
C MET B 402 -75.00 -19.24 156.08
N LEU B 403 -75.21 -20.48 155.63
CA LEU B 403 -75.95 -20.75 154.40
C LEU B 403 -77.38 -20.16 154.32
N PRO B 404 -78.21 -20.35 155.37
CA PRO B 404 -79.55 -19.76 155.28
C PRO B 404 -79.53 -18.25 155.44
N LYS B 405 -78.69 -17.76 156.35
CA LYS B 405 -78.57 -16.32 156.59
C LYS B 405 -78.03 -15.61 155.35
N LEU B 406 -77.23 -16.31 154.57
CA LEU B 406 -76.73 -15.79 153.32
C LEU B 406 -77.89 -15.71 152.34
N GLU B 407 -78.70 -16.76 152.31
CA GLU B 407 -79.87 -16.80 151.45
C GLU B 407 -80.94 -15.83 151.91
N GLU B 408 -80.86 -15.43 153.17
CA GLU B 408 -81.79 -14.45 153.75
C GLU B 408 -81.35 -13.03 153.44
N GLU B 409 -80.09 -12.74 153.74
CA GLU B 409 -79.54 -11.40 153.55
C GLU B 409 -79.53 -11.00 152.07
N LEU B 410 -79.42 -12.00 151.19
CA LEU B 410 -79.39 -11.76 149.76
C LEU B 410 -80.78 -11.85 149.15
N LYS B 411 -81.78 -12.13 149.99
CA LYS B 411 -83.16 -12.26 149.52
C LYS B 411 -83.83 -10.90 149.38
N ALA B 412 -83.41 -9.95 150.22
CA ALA B 412 -84.00 -8.61 150.20
C ALA B 412 -83.39 -7.74 149.13
N ARG B 413 -82.41 -8.28 148.40
CA ARG B 413 -81.74 -7.53 147.33
C ARG B 413 -82.34 -7.84 145.96
N ILE B 414 -82.69 -9.10 145.75
CA ILE B 414 -83.26 -9.54 144.47
C ILE B 414 -84.58 -8.83 144.19
N GLU B 415 -85.43 -8.73 145.21
CA GLU B 415 -86.71 -8.06 145.07
C GLU B 415 -86.53 -6.58 144.78
N LEU B 416 -85.53 -5.97 145.40
CA LEU B 416 -85.22 -4.56 145.17
C LEU B 416 -84.75 -4.35 143.74
N TRP B 417 -83.94 -5.29 143.25
CA TRP B 417 -83.46 -5.25 141.87
C TRP B 417 -84.63 -5.37 140.91
N GLU B 418 -85.55 -6.28 141.20
CA GLU B 418 -86.73 -6.47 140.37
C GLU B 418 -87.64 -5.26 140.42
N GLN B 419 -87.59 -4.52 141.53
CA GLN B 419 -88.34 -3.29 141.68
C GLN B 419 -87.74 -2.21 140.79
N GLU B 420 -86.42 -2.09 140.83
CA GLU B 420 -85.71 -1.15 139.96
C GLU B 420 -85.72 -1.66 138.53
N HIS B 421 -84.98 -2.74 138.29
CA HIS B 421 -84.97 -3.39 136.98
C HIS B 421 -86.20 -4.28 136.86
N SER B 422 -87.16 -3.87 136.04
CA SER B 422 -88.39 -4.64 135.84
C SER B 422 -88.10 -6.05 135.33
N LYS B 423 -89.14 -6.89 135.31
CA LYS B 423 -89.04 -8.30 134.97
C LYS B 423 -88.23 -9.09 136.01
N ALA B 424 -87.78 -10.29 135.64
CA ALA B 424 -87.12 -11.17 136.59
C ALA B 424 -85.65 -11.41 136.27
N PHE B 425 -84.96 -12.10 137.17
CA PHE B 425 -83.54 -12.40 137.00
C PHE B 425 -83.29 -13.90 137.01
N MET B 426 -82.51 -14.38 136.04
CA MET B 426 -82.15 -15.79 135.96
C MET B 426 -80.65 -15.99 135.91
N VAL B 427 -80.22 -17.24 136.03
CA VAL B 427 -78.81 -17.60 135.97
C VAL B 427 -78.65 -19.07 135.64
N ASN B 428 -77.90 -19.35 134.58
CA ASN B 428 -77.68 -20.72 134.10
C ASN B 428 -78.98 -21.46 133.82
N GLY B 429 -79.95 -20.75 133.26
CA GLY B 429 -81.24 -21.33 132.94
C GLY B 429 -82.32 -20.93 133.94
N MET B 433 -83.21 -18.16 142.83
CA MET B 433 -83.38 -18.93 144.06
C MET B 433 -84.23 -20.16 143.84
N GLU B 434 -84.85 -20.24 142.67
CA GLU B 434 -85.65 -21.41 142.32
C GLU B 434 -84.77 -22.65 142.30
N TYR B 435 -83.64 -22.55 141.60
CA TYR B 435 -82.67 -23.63 141.55
C TYR B 435 -82.03 -23.83 142.93
N VAL B 436 -81.92 -22.75 143.68
CA VAL B 436 -81.36 -22.81 145.04
C VAL B 436 -82.26 -23.61 145.97
N ALA B 437 -83.53 -23.21 146.03
CA ALA B 437 -84.51 -23.91 146.86
C ALA B 437 -84.70 -25.34 146.36
N GLU B 438 -84.54 -25.54 145.06
CA GLU B 438 -84.58 -26.88 144.48
C GLU B 438 -83.42 -27.72 144.99
N GLN B 439 -82.26 -27.07 145.17
CA GLN B 439 -81.08 -27.74 145.69
C GLN B 439 -81.29 -28.10 147.16
N TRP B 440 -81.90 -27.18 147.91
CA TRP B 440 -82.23 -27.43 149.31
C TRP B 440 -83.18 -28.62 149.43
N GLU B 441 -84.18 -28.67 148.55
CA GLU B 441 -85.12 -29.78 148.53
C GLU B 441 -84.42 -31.08 148.14
N MET B 442 -83.41 -30.97 147.27
CA MET B 442 -82.61 -32.12 146.87
C MET B 442 -81.82 -32.65 148.06
N HIS B 443 -81.35 -31.74 148.90
CA HIS B 443 -80.63 -32.12 150.11
C HIS B 443 -81.57 -32.79 151.10
N ARG B 444 -82.76 -32.21 151.26
CA ARG B 444 -83.76 -32.74 152.18
C ARG B 444 -84.24 -34.11 151.74
N LEU B 445 -84.21 -34.36 150.43
CA LEU B 445 -84.63 -35.64 149.88
C LEU B 445 -83.46 -36.63 149.82
N GLU B 446 -82.25 -36.10 149.95
CA GLU B 446 -81.04 -36.93 149.89
C GLU B 446 -80.85 -37.74 151.17
N LYS B 447 -81.14 -37.12 152.31
CA LYS B 447 -80.96 -37.77 153.60
C LYS B 447 -82.14 -38.69 153.94
N GLU B 448 -83.16 -38.68 153.09
CA GLU B 448 -84.34 -39.51 153.30
C GLU B 448 -84.01 -40.99 153.13
#